data_7AQM
#
_entry.id   7AQM
#
_cell.length_a   66.825
_cell.length_b   97.613
_cell.length_c   107.396
_cell.angle_alpha   90.000
_cell.angle_beta   90.000
_cell.angle_gamma   90.000
#
_symmetry.space_group_name_H-M   'P 21 21 21'
#
loop_
_entity.id
_entity.type
_entity.pdbx_description
1 polymer 'ADP-ribosylhydrolase like 2'
2 non-polymer 'MAGNESIUM ION'
3 non-polymer "Adenosine 5'-diphosphoric acid beta-[(3beta,4beta-dihydroxy-5beta-methoxytetrahydrofuran-2alpha-yl)methyl] estere"
4 water water
#
_entity_poly.entity_id   1
_entity_poly.type   'polypeptide(L)'
_entity_poly.pdbx_seq_one_letter_code
;GPMVSLAQVRGALCGALLGDCMGAEFEGSDAVELPDVLEFVRLLEKEKKAGTLFYTDDTAMTRAVIQSLIAKPDFDEVDM
AKRFAEEYKKEPTRGYGAGVVQVFKKLLSPKYSDVFQPAREQFDGKGSYGNGGAMRVASIALAYPNIQDVIKFARRSAQL
THASPLGYNGAILQALAVHFALQGELKRDTFLEQLIGEMERIEGGEMSASDAGEHDRPNEVKLPFCSRLKKIKEFLASSN
VPKADIVDELGHGIAALESVPTAIYSFLHCMESDPDIPDLYNNLQRTIIYSISLGGDTDTIATMAGAIAGAYYGMDQVTP
SWKRSCEAIVETEESAVKLYELYCKQLKTP
;
_entity_poly.pdbx_strand_id   A,B
#
loop_
_chem_comp.id
_chem_comp.type
_chem_comp.name
_chem_comp.formula
MG non-polymer 'MAGNESIUM ION' 'Mg 2'
RVK non-polymer 'Adenosine 5'-diphosphoric acid beta-[(3beta,4beta-dihydroxy-5beta-methoxytetrahydrofuran-2alpha-yl)methyl] estere' 'C16 H25 N5 O14 P2'
#
# COMPACT_ATOMS: atom_id res chain seq x y z
N PRO A 2 -0.85 -30.12 -27.91
CA PRO A 2 -1.27 -28.72 -27.98
C PRO A 2 -2.40 -28.32 -27.02
N MET A 3 -3.41 -29.17 -26.78
CA MET A 3 -4.62 -28.67 -26.14
C MET A 3 -4.45 -28.38 -24.65
N VAL A 4 -4.97 -27.21 -24.26
CA VAL A 4 -4.94 -26.69 -22.90
C VAL A 4 -5.88 -27.51 -22.04
N SER A 5 -5.42 -27.88 -20.85
CA SER A 5 -6.14 -28.78 -19.95
C SER A 5 -6.82 -27.95 -18.89
N LEU A 6 -7.83 -28.55 -18.25
CA LEU A 6 -8.43 -27.90 -17.10
C LEU A 6 -7.41 -27.61 -15.99
N ALA A 7 -6.44 -28.52 -15.79
CA ALA A 7 -5.41 -28.29 -14.79
C ALA A 7 -4.71 -26.97 -15.03
N GLN A 8 -4.51 -26.62 -16.30
CA GLN A 8 -3.83 -25.37 -16.63
C GLN A 8 -4.74 -24.18 -16.36
N VAL A 9 -6.02 -24.30 -16.70
CA VAL A 9 -6.90 -23.16 -16.45
C VAL A 9 -7.09 -22.94 -14.97
N ARG A 10 -7.31 -24.02 -14.24
CA ARG A 10 -7.45 -23.92 -12.81
C ARG A 10 -6.18 -23.44 -12.15
N GLY A 11 -5.04 -23.99 -12.58
CA GLY A 11 -3.74 -23.52 -12.09
C GLY A 11 -3.51 -22.04 -12.27
N ALA A 12 -3.82 -21.53 -13.48
CA ALA A 12 -3.60 -20.11 -13.75
C ALA A 12 -4.45 -19.26 -12.83
N LEU A 13 -5.74 -19.57 -12.75
CA LEU A 13 -6.63 -18.77 -11.92
C LEU A 13 -6.26 -18.91 -10.44
N CYS A 14 -5.93 -20.12 -9.99
CA CYS A 14 -5.57 -20.26 -8.58
C CYS A 14 -4.21 -19.62 -8.31
N GLY A 15 -3.28 -19.74 -9.26
CA GLY A 15 -2.01 -19.03 -9.14
C GLY A 15 -2.23 -17.54 -9.03
N ALA A 16 -3.12 -17.01 -9.86
CA ALA A 16 -3.44 -15.60 -9.81
C ALA A 16 -4.01 -15.23 -8.44
N LEU A 17 -4.91 -16.05 -7.89
CA LEU A 17 -5.51 -15.71 -6.61
C LEU A 17 -4.48 -15.74 -5.49
N LEU A 18 -3.67 -16.81 -5.43
CA LEU A 18 -2.60 -16.93 -4.44
C LEU A 18 -1.65 -15.74 -4.49
N GLY A 19 -1.19 -15.39 -5.69
CA GLY A 19 -0.28 -14.28 -5.82
C GLY A 19 -0.85 -12.98 -5.29
N ASP A 20 -2.11 -12.70 -5.59
CA ASP A 20 -2.74 -11.50 -5.06
C ASP A 20 -2.83 -11.57 -3.53
N CYS A 21 -3.44 -12.64 -3.01
CA CYS A 21 -3.71 -12.74 -1.57
C CYS A 21 -2.42 -12.68 -0.74
N MET A 22 -1.38 -13.37 -1.19
CA MET A 22 -0.14 -13.43 -0.42
C MET A 22 0.69 -12.17 -0.65
N GLY A 23 0.74 -11.70 -1.90
CA GLY A 23 1.46 -10.47 -2.21
C GLY A 23 0.87 -9.30 -1.47
N ALA A 24 -0.43 -9.34 -1.22
CA ALA A 24 -1.08 -8.19 -0.63
C ALA A 24 -0.49 -7.90 0.74
N GLU A 25 -0.04 -8.94 1.47
CA GLU A 25 0.52 -8.74 2.81
C GLU A 25 1.77 -7.88 2.83
N PHE A 26 2.43 -7.64 1.69
CA PHE A 26 3.65 -6.85 1.73
C PHE A 26 3.58 -5.60 0.85
N GLU A 27 2.42 -5.35 0.25
CA GLU A 27 2.29 -4.33 -0.77
C GLU A 27 2.80 -3.00 -0.21
N GLY A 28 3.59 -2.27 -1.00
CA GLY A 28 3.92 -0.90 -0.63
C GLY A 28 4.88 -0.73 0.53
N SER A 29 5.18 -1.79 1.25
CA SER A 29 6.31 -1.84 2.19
C SER A 29 7.58 -1.77 1.37
N ASP A 30 8.35 -0.68 1.54
CA ASP A 30 9.40 -0.43 0.57
C ASP A 30 10.62 -1.30 0.81
N ALA A 31 10.94 -1.62 2.05
CA ALA A 31 11.98 -2.62 2.29
C ALA A 31 11.26 -3.93 2.63
N VAL A 32 11.17 -4.85 1.68
CA VAL A 32 10.64 -6.19 1.93
C VAL A 32 11.79 -7.14 1.68
N GLU A 33 11.99 -8.05 2.61
CA GLU A 33 13.06 -9.04 2.59
C GLU A 33 12.59 -10.46 2.35
N LEU A 34 13.32 -11.19 1.50
CA LEU A 34 12.96 -12.59 1.29
C LEU A 34 12.76 -13.32 2.62
N PRO A 35 13.61 -13.13 3.65
CA PRO A 35 13.33 -13.79 4.94
C PRO A 35 11.93 -13.55 5.48
N ASP A 36 11.37 -12.33 5.35
CA ASP A 36 10.02 -12.13 5.85
C ASP A 36 9.02 -12.99 5.08
N VAL A 37 9.22 -13.16 3.77
CA VAL A 37 8.29 -13.94 2.95
C VAL A 37 8.35 -15.42 3.34
N LEU A 38 9.57 -15.94 3.49
CA LEU A 38 9.70 -17.36 3.84
C LEU A 38 9.11 -17.63 5.23
N GLU A 39 9.23 -16.67 6.15
CA GLU A 39 8.57 -16.83 7.44
C GLU A 39 7.06 -16.68 7.31
N PHE A 40 6.61 -15.83 6.41
CA PHE A 40 5.18 -15.66 6.18
C PHE A 40 4.56 -16.97 5.71
N VAL A 41 5.20 -17.62 4.74
CA VAL A 41 4.65 -18.86 4.17
C VAL A 41 4.57 -19.92 5.24
N ARG A 42 5.60 -20.02 6.08
CA ARG A 42 5.59 -21.02 7.15
C ARG A 42 4.41 -20.81 8.08
N LEU A 43 4.17 -19.57 8.47
CA LEU A 43 3.01 -19.29 9.31
C LEU A 43 1.74 -19.69 8.61
N LEU A 44 1.64 -19.37 7.32
CA LEU A 44 0.45 -19.66 6.55
C LEU A 44 0.14 -21.15 6.54
N GLU A 45 1.16 -21.98 6.34
CA GLU A 45 0.93 -23.41 6.23
C GLU A 45 0.41 -23.99 7.53
N LYS A 46 0.62 -23.32 8.67
CA LYS A 46 0.22 -23.86 9.97
C LYS A 46 -1.09 -23.25 10.47
N GLU A 47 -1.67 -22.32 9.72
CA GLU A 47 -2.91 -21.69 10.14
C GLU A 47 -4.02 -22.73 10.22
N LYS A 48 -4.73 -22.76 11.34
CA LYS A 48 -5.81 -23.73 11.49
C LYS A 48 -7.07 -23.30 10.73
N LYS A 49 -7.41 -22.03 10.76
CA LYS A 49 -8.60 -21.59 10.05
C LYS A 49 -8.33 -21.37 8.57
N ALA A 50 -9.26 -21.82 7.73
CA ALA A 50 -9.17 -21.58 6.31
C ALA A 50 -9.65 -20.18 5.93
N GLY A 51 -9.18 -19.74 4.76
CA GLY A 51 -9.66 -18.52 4.14
C GLY A 51 -9.27 -17.26 4.84
N THR A 52 -8.07 -17.22 5.42
CA THR A 52 -7.60 -16.06 6.17
C THR A 52 -7.02 -14.97 5.29
N LEU A 53 -6.68 -15.25 4.02
CA LEU A 53 -6.07 -14.21 3.20
C LEU A 53 -7.12 -13.68 2.25
N PHE A 54 -7.32 -12.37 2.32
CA PHE A 54 -8.33 -11.73 1.50
C PHE A 54 -7.77 -11.24 0.18
N TYR A 55 -8.61 -11.31 -0.84
CA TYR A 55 -8.13 -10.83 -2.12
C TYR A 55 -8.39 -9.35 -2.21
N THR A 56 -7.79 -8.76 -3.21
CA THR A 56 -7.82 -7.32 -3.38
C THR A 56 -8.48 -6.98 -4.71
N ASP A 57 -8.26 -5.76 -5.20
CA ASP A 57 -8.93 -5.36 -6.43
C ASP A 57 -8.49 -6.23 -7.59
N ASP A 58 -7.26 -6.74 -7.53
CA ASP A 58 -6.77 -7.63 -8.58
C ASP A 58 -7.74 -8.77 -8.84
N THR A 59 -8.18 -9.44 -7.79
CA THR A 59 -9.11 -10.54 -7.95
C THR A 59 -10.52 -10.02 -8.23
N ALA A 60 -10.93 -8.93 -7.59
CA ALA A 60 -12.25 -8.39 -7.87
C ALA A 60 -12.37 -8.12 -9.37
N MET A 61 -11.32 -7.54 -9.96
CA MET A 61 -11.40 -7.25 -11.37
C MET A 61 -11.26 -8.53 -12.19
N THR A 62 -10.44 -9.47 -11.75
CA THR A 62 -10.36 -10.76 -12.41
C THR A 62 -11.73 -11.42 -12.49
N ARG A 63 -12.49 -11.41 -11.40
CA ARG A 63 -13.80 -12.07 -11.46
C ARG A 63 -14.74 -11.35 -12.40
N ALA A 64 -14.65 -10.03 -12.50
CA ALA A 64 -15.53 -9.31 -13.42
C ALA A 64 -15.18 -9.67 -14.87
N VAL A 65 -13.89 -9.74 -15.19
CA VAL A 65 -13.47 -10.22 -16.50
C VAL A 65 -14.11 -11.57 -16.78
N ILE A 66 -14.00 -12.49 -15.83
CA ILE A 66 -14.51 -13.85 -16.04
C ILE A 66 -16.01 -13.82 -16.24
N GLN A 67 -16.72 -13.06 -15.42
CA GLN A 67 -18.17 -13.04 -15.52
C GLN A 67 -18.63 -12.42 -16.85
N SER A 68 -17.89 -11.40 -17.34
CA SER A 68 -18.21 -10.80 -18.64
C SER A 68 -18.00 -11.80 -19.77
N LEU A 69 -16.87 -12.52 -19.76
CA LEU A 69 -16.57 -13.47 -20.81
C LEU A 69 -17.61 -14.58 -20.79
N ILE A 70 -18.07 -14.99 -19.60
CA ILE A 70 -19.08 -16.05 -19.59
C ILE A 70 -20.41 -15.52 -20.12
N ALA A 71 -20.76 -14.30 -19.73
CA ALA A 71 -22.01 -13.73 -20.21
C ALA A 71 -21.93 -13.36 -21.70
N LYS A 72 -20.78 -12.90 -22.16
CA LYS A 72 -20.60 -12.41 -23.53
C LYS A 72 -19.32 -13.01 -24.09
N PRO A 73 -19.35 -14.28 -24.49
CA PRO A 73 -18.10 -14.95 -24.87
C PRO A 73 -17.42 -14.33 -26.09
N ASP A 74 -18.15 -13.58 -26.90
CA ASP A 74 -17.55 -12.95 -28.07
C ASP A 74 -16.86 -11.65 -27.74
N PHE A 75 -16.94 -11.23 -26.48
CA PHE A 75 -16.33 -10.02 -25.94
C PHE A 75 -17.18 -8.79 -26.20
N ASP A 76 -17.71 -8.26 -25.12
CA ASP A 76 -18.61 -7.12 -25.10
C ASP A 76 -18.02 -6.14 -24.09
N GLU A 77 -17.32 -5.14 -24.60
CA GLU A 77 -16.62 -4.22 -23.71
C GLU A 77 -17.59 -3.43 -22.85
N VAL A 78 -18.83 -3.25 -23.32
CA VAL A 78 -19.83 -2.58 -22.52
C VAL A 78 -20.24 -3.42 -21.32
N ASP A 79 -20.49 -4.72 -21.53
CA ASP A 79 -20.79 -5.60 -20.42
C ASP A 79 -19.62 -5.60 -19.44
N MET A 80 -18.40 -5.73 -19.96
CA MET A 80 -17.26 -5.80 -19.06
C MET A 80 -17.15 -4.48 -18.32
N ALA A 81 -17.35 -3.36 -19.03
CA ALA A 81 -17.31 -2.06 -18.37
C ALA A 81 -18.35 -2.01 -17.26
N LYS A 82 -19.56 -2.50 -17.52
CA LYS A 82 -20.59 -2.49 -16.48
C LYS A 82 -20.12 -3.27 -15.26
N ARG A 83 -19.56 -4.47 -15.47
CA ARG A 83 -19.13 -5.32 -14.37
C ARG A 83 -18.02 -4.70 -13.53
N PHE A 84 -17.01 -4.12 -14.16
CA PHE A 84 -15.98 -3.42 -13.40
C PHE A 84 -16.60 -2.37 -12.49
N ALA A 85 -17.44 -1.52 -13.08
CA ALA A 85 -18.03 -0.43 -12.32
C ALA A 85 -18.95 -0.95 -11.22
N GLU A 86 -19.75 -1.97 -11.50
CA GLU A 86 -20.66 -2.44 -10.47
C GLU A 86 -19.92 -3.19 -9.35
N GLU A 87 -18.82 -3.87 -9.66
CA GLU A 87 -18.06 -4.55 -8.62
C GLU A 87 -17.40 -3.54 -7.70
N TYR A 88 -16.79 -2.52 -8.29
CA TYR A 88 -16.26 -1.41 -7.51
C TYR A 88 -17.32 -0.87 -6.59
N LYS A 89 -18.49 -0.53 -7.14
CA LYS A 89 -19.56 0.04 -6.34
C LYS A 89 -19.92 -0.91 -5.19
N LYS A 90 -19.92 -2.22 -5.46
CA LYS A 90 -20.30 -3.20 -4.44
C LYS A 90 -19.26 -3.29 -3.34
N GLU A 91 -17.97 -3.31 -3.71
CA GLU A 91 -16.89 -3.56 -2.74
C GLU A 91 -15.75 -2.57 -2.98
N PRO A 92 -15.98 -1.29 -2.67
CA PRO A 92 -15.01 -0.25 -2.99
C PRO A 92 -13.74 -0.24 -2.14
N THR A 93 -13.63 -1.04 -1.10
CA THR A 93 -12.45 -0.95 -0.26
C THR A 93 -11.46 -2.08 -0.57
N ARG A 94 -11.56 -2.69 -1.74
CA ARG A 94 -10.71 -3.82 -2.03
C ARG A 94 -9.27 -3.44 -2.33
N GLY A 95 -9.00 -2.18 -2.66
CA GLY A 95 -7.63 -1.73 -2.75
C GLY A 95 -7.33 -1.09 -4.09
N TYR A 96 -8.35 -0.46 -4.69
CA TYR A 96 -8.22 0.13 -6.01
C TYR A 96 -7.23 1.29 -6.00
N GLY A 97 -6.56 1.50 -7.14
CA GLY A 97 -5.69 2.64 -7.30
C GLY A 97 -6.46 3.95 -7.22
N ALA A 98 -5.74 5.01 -6.84
CA ALA A 98 -6.37 6.32 -6.64
C ALA A 98 -6.95 6.87 -7.94
N GLY A 99 -6.28 6.61 -9.07
CA GLY A 99 -6.78 7.10 -10.36
C GLY A 99 -8.04 6.40 -10.85
N VAL A 100 -8.06 5.07 -10.79
CA VAL A 100 -9.08 4.28 -11.49
C VAL A 100 -10.45 4.45 -10.87
N VAL A 101 -10.51 4.89 -9.64
CA VAL A 101 -11.79 5.17 -8.99
C VAL A 101 -12.63 6.11 -9.82
N GLN A 102 -12.01 7.13 -10.44
CA GLN A 102 -12.82 8.07 -11.23
C GLN A 102 -13.42 7.42 -12.47
N VAL A 103 -12.70 6.50 -13.11
CA VAL A 103 -13.33 5.84 -14.24
C VAL A 103 -14.54 5.09 -13.74
N PHE A 104 -14.45 4.42 -12.59
CA PHE A 104 -15.62 3.67 -12.15
C PHE A 104 -16.77 4.62 -11.84
N LYS A 105 -16.45 5.76 -11.22
CA LYS A 105 -17.49 6.72 -10.88
C LYS A 105 -18.10 7.29 -12.15
N LYS A 106 -17.28 7.53 -13.17
CA LYS A 106 -17.78 8.04 -14.44
C LYS A 106 -18.65 7.01 -15.16
N LEU A 107 -18.21 5.75 -15.17
CA LEU A 107 -19.02 4.70 -15.81
C LEU A 107 -20.34 4.49 -15.10
N LEU A 108 -20.40 4.73 -13.79
CA LEU A 108 -21.64 4.54 -13.06
C LEU A 108 -22.58 5.69 -13.30
N SER A 109 -22.06 6.83 -13.73
CA SER A 109 -22.91 7.95 -14.03
C SER A 109 -23.54 7.73 -15.41
N PRO A 110 -24.60 8.45 -15.75
CA PRO A 110 -25.19 8.37 -17.09
C PRO A 110 -24.55 9.28 -18.13
N LYS A 111 -23.44 9.95 -17.81
CA LYS A 111 -22.87 11.00 -18.66
C LYS A 111 -22.14 10.43 -19.87
N TYR A 112 -21.65 9.21 -19.80
CA TYR A 112 -20.80 8.62 -20.84
C TYR A 112 -21.53 7.50 -21.57
N SER A 113 -21.59 7.63 -22.89
CA SER A 113 -22.04 6.55 -23.75
C SER A 113 -20.88 5.79 -24.37
N ASP A 114 -19.69 6.38 -24.37
CA ASP A 114 -18.51 5.71 -24.90
C ASP A 114 -17.74 5.18 -23.68
N VAL A 115 -17.74 3.86 -23.50
CA VAL A 115 -17.16 3.27 -22.29
C VAL A 115 -15.67 3.47 -22.23
N PHE A 116 -15.04 3.87 -23.32
CA PHE A 116 -13.61 4.10 -23.34
C PHE A 116 -13.26 5.52 -22.98
N GLN A 117 -14.27 6.40 -22.96
CA GLN A 117 -13.99 7.83 -22.82
C GLN A 117 -13.54 8.12 -21.40
N PRO A 118 -14.17 7.59 -20.34
CA PRO A 118 -13.64 7.86 -18.99
C PRO A 118 -12.17 7.52 -18.90
N ALA A 119 -11.78 6.37 -19.47
CA ALA A 119 -10.37 5.98 -19.46
C ALA A 119 -9.51 6.96 -20.27
N ARG A 120 -10.05 7.49 -21.36
CA ARG A 120 -9.28 8.42 -22.18
C ARG A 120 -8.94 9.69 -21.41
N GLU A 121 -9.79 10.08 -20.47
CA GLU A 121 -9.71 11.34 -19.76
C GLU A 121 -8.69 11.33 -18.62
N GLN A 122 -8.22 10.16 -18.20
CA GLN A 122 -7.30 10.05 -17.08
C GLN A 122 -6.03 10.85 -17.31
N PHE A 123 -5.51 11.44 -16.22
CA PHE A 123 -4.27 12.23 -16.17
C PHE A 123 -4.16 13.25 -17.29
N ASP A 124 -5.04 14.24 -17.23
CA ASP A 124 -5.00 15.38 -18.15
C ASP A 124 -5.07 14.89 -19.60
N GLY A 125 -5.84 13.83 -19.84
CA GLY A 125 -5.96 13.24 -21.16
C GLY A 125 -4.83 12.35 -21.58
N LYS A 126 -3.83 12.12 -20.73
CA LYS A 126 -2.72 11.24 -21.10
C LYS A 126 -3.03 9.76 -20.88
N GLY A 127 -3.92 9.45 -19.96
CA GLY A 127 -4.30 8.09 -19.62
C GLY A 127 -3.32 7.44 -18.66
N SER A 128 -3.81 6.42 -17.96
CA SER A 128 -3.03 5.72 -16.94
C SER A 128 -2.02 4.73 -17.53
N TYR A 129 -0.81 4.72 -16.99
CA TYR A 129 0.17 3.69 -17.34
C TYR A 129 0.34 2.67 -16.24
N GLY A 130 -0.59 2.61 -15.30
CA GLY A 130 -0.56 1.62 -14.27
C GLY A 130 -0.80 0.23 -14.81
N ASN A 131 -0.59 -0.75 -13.92
CA ASN A 131 -0.61 -2.16 -14.26
C ASN A 131 -1.98 -2.78 -14.02
N GLY A 132 -3.00 -1.95 -13.76
CA GLY A 132 -4.31 -2.49 -13.47
C GLY A 132 -4.91 -3.24 -14.64
N GLY A 133 -4.56 -2.87 -15.88
CA GLY A 133 -5.00 -3.67 -17.03
C GLY A 133 -4.39 -5.05 -17.05
N ALA A 134 -3.11 -5.17 -16.70
CA ALA A 134 -2.43 -6.47 -16.76
C ALA A 134 -2.80 -7.36 -15.58
N MET A 135 -3.12 -6.78 -14.42
CA MET A 135 -3.28 -7.58 -13.22
C MET A 135 -4.45 -8.54 -13.34
N ARG A 136 -5.40 -8.22 -14.23
CA ARG A 136 -6.68 -8.89 -14.37
C ARG A 136 -6.83 -9.58 -15.72
N VAL A 137 -5.81 -9.55 -16.58
CA VAL A 137 -5.98 -9.87 -17.99
C VAL A 137 -5.80 -11.35 -18.31
N ALA A 138 -5.23 -12.13 -17.39
CA ALA A 138 -4.88 -13.53 -17.64
C ALA A 138 -6.02 -14.28 -18.33
N SER A 139 -7.27 -14.07 -17.88
CA SER A 139 -8.38 -14.89 -18.37
C SER A 139 -8.58 -14.76 -19.87
N ILE A 140 -8.12 -13.67 -20.50
CA ILE A 140 -8.25 -13.55 -21.95
C ILE A 140 -7.48 -14.67 -22.63
N ALA A 141 -6.26 -14.91 -22.19
CA ALA A 141 -5.48 -16.00 -22.79
C ALA A 141 -6.04 -17.37 -22.44
N LEU A 142 -6.78 -17.48 -21.36
CA LEU A 142 -7.35 -18.77 -21.04
C LEU A 142 -8.68 -19.00 -21.79
N ALA A 143 -9.27 -17.94 -22.32
CA ALA A 143 -10.58 -18.12 -22.95
C ALA A 143 -10.53 -18.16 -24.47
N TYR A 144 -9.49 -17.59 -25.07
CA TYR A 144 -9.42 -17.37 -26.51
C TYR A 144 -8.13 -17.99 -26.99
N PRO A 145 -8.21 -19.14 -27.66
CA PRO A 145 -6.99 -19.82 -28.14
C PRO A 145 -6.22 -19.03 -29.19
N ASN A 146 -6.89 -18.25 -30.04
CA ASN A 146 -6.20 -17.56 -31.12
C ASN A 146 -5.45 -16.34 -30.59
N ILE A 147 -4.15 -16.32 -30.84
CA ILE A 147 -3.28 -15.27 -30.32
C ILE A 147 -3.70 -13.87 -30.76
N GLN A 148 -4.42 -13.75 -31.87
CA GLN A 148 -4.86 -12.41 -32.30
C GLN A 148 -6.05 -11.94 -31.48
N ASP A 149 -7.00 -12.84 -31.20
CA ASP A 149 -8.05 -12.50 -30.24
C ASP A 149 -7.45 -12.07 -28.92
N VAL A 150 -6.42 -12.81 -28.46
CA VAL A 150 -5.76 -12.49 -27.21
C VAL A 150 -5.23 -11.06 -27.26
N ILE A 151 -4.52 -10.72 -28.33
CA ILE A 151 -3.97 -9.37 -28.45
C ILE A 151 -5.09 -8.32 -28.45
N LYS A 152 -6.12 -8.49 -29.30
CA LYS A 152 -7.10 -7.40 -29.46
C LYS A 152 -7.95 -7.29 -28.21
N PHE A 153 -8.30 -8.42 -27.61
CA PHE A 153 -9.14 -8.38 -26.42
C PHE A 153 -8.36 -7.96 -25.18
N ALA A 154 -7.06 -8.28 -25.11
CA ALA A 154 -6.25 -7.73 -24.04
C ALA A 154 -6.27 -6.22 -24.11
N ARG A 155 -6.06 -5.69 -25.32
CA ARG A 155 -6.03 -4.24 -25.49
C ARG A 155 -7.37 -3.62 -25.11
N ARG A 156 -8.47 -4.14 -25.66
CA ARG A 156 -9.74 -3.48 -25.41
C ARG A 156 -10.15 -3.60 -23.94
N SER A 157 -9.99 -4.79 -23.37
CA SER A 157 -10.31 -4.93 -21.95
C SER A 157 -9.46 -3.96 -21.13
N ALA A 158 -8.17 -3.82 -21.45
CA ALA A 158 -7.27 -2.95 -20.67
C ALA A 158 -7.68 -1.50 -20.80
N GLN A 159 -8.05 -1.09 -22.02
CA GLN A 159 -8.40 0.27 -22.41
C GLN A 159 -9.69 0.75 -21.75
N LEU A 160 -10.45 -0.15 -21.14
CA LEU A 160 -11.60 0.31 -20.37
C LEU A 160 -11.17 1.24 -19.24
N THR A 161 -9.94 1.08 -18.74
CA THR A 161 -9.41 1.89 -17.65
C THR A 161 -8.08 2.54 -17.96
N HIS A 162 -7.29 1.99 -18.89
CA HIS A 162 -5.89 2.41 -19.07
C HIS A 162 -5.65 2.76 -20.52
N ALA A 163 -5.72 4.06 -20.81
CA ALA A 163 -5.67 4.58 -22.17
C ALA A 163 -4.25 4.90 -22.60
N SER A 164 -3.30 4.92 -21.71
CA SER A 164 -1.95 5.11 -22.18
C SER A 164 -1.47 3.83 -22.85
N PRO A 165 -0.76 3.94 -23.98
CA PRO A 165 -0.13 2.75 -24.59
C PRO A 165 0.65 1.91 -23.60
N LEU A 166 1.28 2.51 -22.61
CA LEU A 166 2.02 1.75 -21.60
C LEU A 166 1.10 0.84 -20.81
N GLY A 167 -0.09 1.34 -20.47
CA GLY A 167 -1.04 0.51 -19.75
C GLY A 167 -1.50 -0.67 -20.58
N TYR A 168 -1.98 -0.40 -21.79
CA TYR A 168 -2.66 -1.46 -22.53
C TYR A 168 -1.66 -2.37 -23.23
N ASN A 169 -0.48 -1.85 -23.56
CA ASN A 169 0.54 -2.73 -24.09
C ASN A 169 1.08 -3.62 -22.99
N GLY A 170 1.12 -3.10 -21.74
CA GLY A 170 1.44 -3.93 -20.59
C GLY A 170 0.46 -5.06 -20.41
N ALA A 171 -0.82 -4.76 -20.60
CA ALA A 171 -1.85 -5.78 -20.54
C ALA A 171 -1.67 -6.80 -21.66
N ILE A 172 -1.37 -6.35 -22.87
CA ILE A 172 -1.19 -7.29 -23.98
C ILE A 172 -0.04 -8.23 -23.68
N LEU A 173 1.07 -7.68 -23.18
CA LEU A 173 2.26 -8.47 -22.88
C LEU A 173 1.96 -9.55 -21.84
N GLN A 174 1.22 -9.21 -20.77
CA GLN A 174 0.90 -10.14 -19.70
C GLN A 174 0.00 -11.25 -20.21
N ALA A 175 -0.95 -10.89 -21.07
CA ALA A 175 -1.82 -11.88 -21.71
C ALA A 175 -0.99 -12.80 -22.61
N LEU A 176 -0.06 -12.23 -23.37
CA LEU A 176 0.79 -13.03 -24.24
C LEU A 176 1.64 -14.01 -23.44
N ALA A 177 2.16 -13.57 -22.30
CA ALA A 177 3.00 -14.44 -21.49
C ALA A 177 2.20 -15.64 -21.03
N VAL A 178 0.97 -15.41 -20.60
CA VAL A 178 0.10 -16.52 -20.19
C VAL A 178 -0.23 -17.38 -21.40
N HIS A 179 -0.60 -16.74 -22.53
CA HIS A 179 -0.88 -17.44 -23.78
C HIS A 179 0.25 -18.41 -24.14
N PHE A 180 1.49 -17.92 -24.21
CA PHE A 180 2.63 -18.75 -24.59
C PHE A 180 3.03 -19.77 -23.52
N ALA A 181 2.81 -19.44 -22.23
CA ALA A 181 3.08 -20.35 -21.10
C ALA A 181 2.22 -21.59 -21.20
N LEU A 182 1.06 -21.41 -21.79
CA LEU A 182 -0.06 -22.31 -21.82
C LEU A 182 0.14 -23.39 -22.88
N GLN A 183 0.77 -23.07 -23.99
CA GLN A 183 0.77 -23.99 -25.14
C GLN A 183 1.98 -24.90 -25.12
N GLY A 184 1.86 -26.03 -24.45
CA GLY A 184 3.05 -26.84 -24.35
C GLY A 184 3.78 -26.53 -23.07
N GLU A 185 4.94 -27.15 -22.91
CA GLU A 185 5.89 -26.69 -21.91
C GLU A 185 7.10 -26.21 -22.68
N LEU A 186 6.98 -25.01 -23.23
CA LEU A 186 8.08 -24.38 -23.95
C LEU A 186 9.30 -24.20 -23.04
N LYS A 187 10.46 -24.24 -23.67
CA LYS A 187 11.74 -23.87 -23.07
C LYS A 187 11.86 -22.37 -22.91
N ARG A 188 12.66 -21.96 -21.94
CA ARG A 188 12.88 -20.54 -21.68
C ARG A 188 13.10 -19.82 -23.00
N ASP A 189 14.05 -20.29 -23.83
CA ASP A 189 14.46 -19.51 -25.00
C ASP A 189 13.34 -19.36 -26.01
N THR A 190 12.53 -20.40 -26.21
CA THR A 190 11.44 -20.31 -27.18
C THR A 190 10.38 -19.33 -26.68
N PHE A 191 10.01 -19.44 -25.40
CA PHE A 191 9.03 -18.55 -24.79
C PHE A 191 9.42 -17.08 -25.00
N LEU A 192 10.68 -16.74 -24.69
CA LEU A 192 11.16 -15.37 -24.85
C LEU A 192 11.17 -14.98 -26.32
N GLU A 193 11.61 -15.88 -27.18
CA GLU A 193 11.61 -15.60 -28.60
C GLU A 193 10.18 -15.29 -29.06
N GLN A 194 9.21 -16.08 -28.60
CA GLN A 194 7.80 -15.83 -28.91
C GLN A 194 7.42 -14.42 -28.43
N LEU A 195 7.75 -14.10 -27.18
CA LEU A 195 7.37 -12.79 -26.61
C LEU A 195 8.09 -11.65 -27.31
N ILE A 196 9.38 -11.80 -27.59
CA ILE A 196 10.10 -10.70 -28.20
C ILE A 196 9.54 -10.43 -29.58
N GLY A 197 9.29 -11.49 -30.33
CA GLY A 197 8.68 -11.36 -31.65
C GLY A 197 7.35 -10.63 -31.69
N GLU A 198 6.42 -10.99 -30.79
CA GLU A 198 5.09 -10.37 -30.81
C GLU A 198 5.14 -8.89 -30.42
N MET A 199 5.90 -8.55 -29.39
CA MET A 199 5.91 -7.18 -28.87
C MET A 199 6.64 -6.26 -29.83
N GLU A 200 7.60 -6.77 -30.59
CA GLU A 200 8.24 -5.98 -31.62
C GLU A 200 7.19 -5.45 -32.59
N ARG A 201 6.31 -6.35 -33.04
CA ARG A 201 5.23 -5.98 -33.96
C ARG A 201 4.31 -4.93 -33.33
N ILE A 202 3.91 -5.14 -32.07
CA ILE A 202 2.90 -4.29 -31.45
C ILE A 202 3.50 -2.92 -31.16
N GLU A 203 4.73 -2.90 -30.68
CA GLU A 203 5.39 -1.66 -30.35
C GLU A 203 5.92 -1.01 -31.62
N LYS A 222 5.28 0.65 -26.03
CA LYS A 222 5.58 -0.78 -25.91
C LYS A 222 6.96 -1.13 -26.42
N LEU A 223 7.62 -0.21 -27.14
CA LEU A 223 9.09 -0.23 -27.25
C LEU A 223 9.70 -0.51 -25.90
N PRO A 224 9.32 0.20 -24.83
CA PRO A 224 10.03 0.08 -23.56
C PRO A 224 10.01 -1.37 -23.14
N PHE A 225 8.85 -2.02 -23.29
CA PHE A 225 8.65 -3.39 -22.85
C PHE A 225 9.54 -4.32 -23.66
N CYS A 226 9.72 -4.03 -24.94
CA CYS A 226 10.58 -4.86 -25.75
C CYS A 226 12.01 -4.86 -25.23
N SER A 227 12.52 -3.69 -24.85
CA SER A 227 13.89 -3.65 -24.35
C SER A 227 13.96 -4.24 -22.95
N ARG A 228 12.89 -4.13 -22.17
CA ARG A 228 12.79 -4.89 -20.92
C ARG A 228 12.93 -6.37 -21.18
N LEU A 229 12.28 -6.89 -22.21
CA LEU A 229 12.42 -8.31 -22.52
C LEU A 229 13.87 -8.64 -22.83
N LYS A 230 14.56 -7.71 -23.50
CA LYS A 230 15.98 -7.92 -23.78
C LYS A 230 16.79 -7.98 -22.50
N LYS A 231 16.51 -7.07 -21.55
CA LYS A 231 17.21 -7.09 -20.28
C LYS A 231 16.98 -8.42 -19.57
N ILE A 232 15.78 -8.98 -19.73
CA ILE A 232 15.47 -10.26 -19.10
C ILE A 232 16.39 -11.35 -19.68
N LYS A 233 16.49 -11.39 -21.01
CA LYS A 233 17.41 -12.31 -21.67
C LYS A 233 18.81 -12.24 -21.07
N GLU A 234 19.32 -11.02 -20.87
CA GLU A 234 20.65 -10.85 -20.30
C GLU A 234 20.71 -11.41 -18.89
N PHE A 235 19.74 -11.04 -18.05
CA PHE A 235 19.72 -11.48 -16.66
C PHE A 235 19.70 -13.00 -16.58
N LEU A 236 18.91 -13.64 -17.42
CA LEU A 236 18.75 -15.08 -17.38
C LEU A 236 20.04 -15.77 -17.81
N ALA A 237 20.89 -15.09 -18.59
CA ALA A 237 22.20 -15.57 -19.00
C ALA A 237 23.25 -15.44 -17.91
N SER A 238 22.93 -14.77 -16.80
CA SER A 238 23.80 -14.66 -15.63
C SER A 238 23.30 -15.63 -14.56
N SER A 239 24.10 -15.75 -13.50
CA SER A 239 23.62 -16.45 -12.33
C SER A 239 23.78 -15.53 -11.13
N ASN A 240 22.97 -15.79 -10.10
CA ASN A 240 23.04 -15.05 -8.84
C ASN A 240 22.90 -13.54 -9.06
N VAL A 241 21.94 -13.15 -9.90
CA VAL A 241 21.64 -11.73 -10.04
C VAL A 241 20.97 -11.21 -8.77
N PRO A 242 21.55 -10.24 -8.10
CA PRO A 242 20.92 -9.69 -6.90
C PRO A 242 19.58 -9.01 -7.20
N LYS A 243 18.69 -9.09 -6.20
CA LYS A 243 17.43 -8.37 -6.25
C LYS A 243 17.64 -6.95 -6.71
N ALA A 244 18.67 -6.30 -6.16
CA ALA A 244 18.91 -4.88 -6.44
C ALA A 244 19.04 -4.62 -7.94
N ASP A 245 19.68 -5.52 -8.70
CA ASP A 245 19.82 -5.27 -10.13
C ASP A 245 18.48 -5.40 -10.85
N ILE A 246 17.68 -6.39 -10.44
CA ILE A 246 16.35 -6.58 -11.00
C ILE A 246 15.46 -5.41 -10.66
N VAL A 247 15.46 -4.97 -9.41
CA VAL A 247 14.58 -3.86 -9.05
C VAL A 247 14.99 -2.62 -9.86
N ASP A 248 16.30 -2.35 -9.94
CA ASP A 248 16.77 -1.14 -10.61
C ASP A 248 16.43 -1.14 -12.09
N GLU A 249 16.58 -2.30 -12.76
CA GLU A 249 16.49 -2.40 -14.21
C GLU A 249 15.09 -2.75 -14.72
N LEU A 250 14.34 -3.55 -13.99
CA LEU A 250 13.00 -3.95 -14.41
C LEU A 250 11.94 -3.18 -13.65
N GLY A 251 12.16 -2.94 -12.37
CA GLY A 251 11.24 -2.19 -11.54
C GLY A 251 10.41 -3.08 -10.66
N HIS A 252 9.73 -2.45 -9.71
CA HIS A 252 8.73 -3.20 -8.93
C HIS A 252 7.56 -2.29 -8.59
N GLY A 253 7.20 -1.40 -9.52
CA GLY A 253 6.32 -0.30 -9.27
C GLY A 253 4.88 -0.53 -9.71
N ILE A 254 4.10 0.55 -9.59
CA ILE A 254 2.70 0.51 -9.99
C ILE A 254 2.56 0.52 -11.51
N ALA A 255 3.53 1.11 -12.22
CA ALA A 255 3.48 1.18 -13.67
C ALA A 255 3.64 -0.19 -14.31
N ALA A 256 2.85 -0.41 -15.38
CA ALA A 256 2.90 -1.68 -16.08
C ALA A 256 4.31 -1.97 -16.57
N LEU A 257 5.00 -0.93 -17.03
CA LEU A 257 6.37 -1.11 -17.53
C LEU A 257 7.27 -1.64 -16.41
N GLU A 258 6.97 -1.29 -15.16
CA GLU A 258 7.81 -1.59 -14.01
C GLU A 258 7.29 -2.79 -13.24
N SER A 259 6.34 -3.53 -13.80
CA SER A 259 5.83 -4.68 -13.07
C SER A 259 5.63 -5.89 -13.97
N VAL A 260 5.12 -5.69 -15.20
CA VAL A 260 4.77 -6.83 -16.06
C VAL A 260 6.07 -7.53 -16.47
N PRO A 261 7.13 -6.83 -16.94
CA PRO A 261 8.37 -7.58 -17.23
C PRO A 261 8.93 -8.27 -16.01
N THR A 262 8.78 -7.63 -14.84
CA THR A 262 9.24 -8.20 -13.59
C THR A 262 8.48 -9.49 -13.28
N ALA A 263 7.18 -9.49 -13.52
CA ALA A 263 6.39 -10.71 -13.35
C ALA A 263 6.90 -11.81 -14.27
N ILE A 264 7.19 -11.47 -15.53
CA ILE A 264 7.65 -12.47 -16.48
C ILE A 264 9.01 -13.00 -16.06
N TYR A 265 9.91 -12.12 -15.65
CA TYR A 265 11.23 -12.56 -15.19
C TYR A 265 11.12 -13.52 -14.01
N SER A 266 10.27 -13.20 -13.01
CA SER A 266 10.15 -14.04 -11.82
C SER A 266 9.77 -15.46 -12.23
N PHE A 267 8.78 -15.58 -13.12
CA PHE A 267 8.36 -16.87 -13.65
C PHE A 267 9.54 -17.59 -14.30
N LEU A 268 10.23 -16.90 -15.19
CA LEU A 268 11.28 -17.55 -15.97
C LEU A 268 12.45 -17.96 -15.09
N HIS A 269 12.87 -17.06 -14.20
CA HIS A 269 13.95 -17.33 -13.26
C HIS A 269 13.68 -18.58 -12.44
N CYS A 270 12.46 -18.70 -11.94
CA CYS A 270 12.09 -19.72 -10.97
C CYS A 270 11.79 -21.04 -11.65
N MET A 271 11.99 -21.09 -12.97
CA MET A 271 12.06 -22.38 -13.64
C MET A 271 13.20 -23.25 -13.13
N GLU A 272 14.25 -22.66 -12.59
CA GLU A 272 15.37 -23.39 -12.00
C GLU A 272 15.48 -23.05 -10.52
N SER A 273 16.35 -23.79 -9.83
CA SER A 273 16.61 -23.51 -8.43
C SER A 273 17.09 -22.08 -8.23
N ASP A 274 16.54 -21.43 -7.23
CA ASP A 274 17.12 -20.23 -6.68
C ASP A 274 17.80 -20.61 -5.39
N PRO A 275 19.09 -20.32 -5.22
CA PRO A 275 19.82 -20.79 -4.03
C PRO A 275 19.23 -20.32 -2.70
N ASP A 276 18.47 -19.21 -2.69
CA ASP A 276 17.90 -18.62 -1.48
C ASP A 276 16.55 -19.20 -1.06
N ILE A 277 15.86 -19.92 -1.93
CA ILE A 277 14.54 -20.45 -1.64
C ILE A 277 14.66 -21.96 -1.47
N PRO A 278 14.27 -22.52 -0.34
CA PRO A 278 14.41 -23.97 -0.17
C PRO A 278 13.77 -24.69 -1.35
N ASP A 279 14.49 -25.67 -1.88
CA ASP A 279 13.95 -26.37 -3.04
C ASP A 279 12.90 -27.42 -2.67
N LEU A 280 12.38 -27.40 -1.43
CA LEU A 280 11.19 -28.18 -1.11
C LEU A 280 9.91 -27.48 -1.53
N TYR A 281 9.99 -26.20 -1.89
CA TYR A 281 8.90 -25.50 -2.56
C TYR A 281 8.95 -25.78 -4.06
N ASN A 282 7.78 -26.06 -4.65
CA ASN A 282 7.74 -26.29 -6.08
C ASN A 282 7.93 -24.98 -6.85
N ASN A 283 7.94 -25.09 -8.17
CA ASN A 283 8.21 -23.93 -9.02
C ASN A 283 7.16 -22.83 -8.85
N LEU A 284 5.89 -23.22 -8.73
CA LEU A 284 4.86 -22.21 -8.58
C LEU A 284 4.99 -21.50 -7.24
N GLN A 285 5.28 -22.27 -6.19
CA GLN A 285 5.52 -21.68 -4.87
C GLN A 285 6.75 -20.78 -4.89
N ARG A 286 7.85 -21.28 -5.47
CA ARG A 286 9.07 -20.49 -5.60
C ARG A 286 8.83 -19.17 -6.31
N THR A 287 8.06 -19.21 -7.40
CA THR A 287 7.74 -18.04 -8.20
C THR A 287 7.01 -17.00 -7.37
N ILE A 288 5.99 -17.46 -6.64
CA ILE A 288 5.23 -16.56 -5.78
C ILE A 288 6.13 -16.05 -4.66
N ILE A 289 6.90 -16.95 -4.05
CA ILE A 289 7.80 -16.52 -2.98
C ILE A 289 8.79 -15.49 -3.52
N TYR A 290 9.44 -15.82 -4.64
CA TYR A 290 10.45 -14.95 -5.22
C TYR A 290 9.85 -13.59 -5.59
N SER A 291 8.72 -13.61 -6.30
CA SER A 291 8.00 -12.41 -6.73
C SER A 291 7.80 -11.43 -5.60
N ILE A 292 7.24 -11.92 -4.49
CA ILE A 292 6.90 -11.07 -3.36
C ILE A 292 8.15 -10.45 -2.75
N SER A 293 9.24 -11.22 -2.68
CA SER A 293 10.51 -10.74 -2.14
C SER A 293 11.04 -9.52 -2.89
N LEU A 294 10.55 -9.26 -4.11
CA LEU A 294 11.03 -8.07 -4.82
C LEU A 294 10.45 -6.79 -4.26
N GLY A 295 9.41 -6.88 -3.44
CA GLY A 295 8.82 -5.71 -2.85
C GLY A 295 8.01 -4.86 -3.81
N GLY A 296 7.64 -3.69 -3.31
CA GLY A 296 6.88 -2.75 -4.11
C GLY A 296 5.45 -3.19 -4.25
N ASP A 297 4.99 -3.28 -5.51
CA ASP A 297 3.61 -3.66 -5.80
C ASP A 297 3.51 -5.19 -5.77
N THR A 298 3.60 -5.73 -4.57
CA THR A 298 3.78 -7.17 -4.44
C THR A 298 2.53 -7.94 -4.85
N ASP A 299 1.35 -7.42 -4.54
CA ASP A 299 0.18 -8.21 -4.90
C ASP A 299 0.02 -8.34 -6.42
N THR A 300 0.37 -7.30 -7.19
CA THR A 300 0.11 -7.32 -8.62
C THR A 300 1.20 -8.08 -9.36
N ILE A 301 2.47 -7.89 -9.00
CA ILE A 301 3.55 -8.64 -9.63
C ILE A 301 3.38 -10.14 -9.32
N ALA A 302 3.01 -10.47 -8.09
CA ALA A 302 2.85 -11.89 -7.76
C ALA A 302 1.60 -12.49 -8.43
N THR A 303 0.50 -11.74 -8.51
CA THR A 303 -0.69 -12.27 -9.19
C THR A 303 -0.37 -12.50 -10.67
N MET A 304 0.44 -11.64 -11.26
CA MET A 304 0.75 -11.86 -12.65
C MET A 304 1.70 -13.04 -12.80
N ALA A 305 2.78 -13.07 -12.02
CA ALA A 305 3.70 -14.20 -12.08
C ALA A 305 2.98 -15.49 -11.74
N GLY A 306 2.04 -15.43 -10.78
CA GLY A 306 1.34 -16.64 -10.39
C GLY A 306 0.43 -17.15 -11.50
N ALA A 307 -0.21 -16.23 -12.25
CA ALA A 307 -1.01 -16.63 -13.43
C ALA A 307 -0.13 -17.30 -14.48
N ILE A 308 1.05 -16.74 -14.74
CA ILE A 308 1.90 -17.34 -15.75
C ILE A 308 2.31 -18.73 -15.27
N ALA A 309 2.81 -18.82 -14.04
CA ALA A 309 3.24 -20.10 -13.51
C ALA A 309 2.08 -21.09 -13.45
N GLY A 310 0.90 -20.63 -13.02
CA GLY A 310 -0.22 -21.54 -12.93
C GLY A 310 -0.60 -22.10 -14.29
N ALA A 311 -0.56 -21.26 -15.31
CA ALA A 311 -0.85 -21.76 -16.65
C ALA A 311 0.21 -22.75 -17.09
N TYR A 312 1.47 -22.50 -16.73
CA TYR A 312 2.58 -23.34 -17.17
C TYR A 312 2.59 -24.67 -16.43
N TYR A 313 2.53 -24.64 -15.10
CA TYR A 313 2.75 -25.84 -14.31
C TYR A 313 1.44 -26.56 -13.98
N GLY A 314 0.33 -25.83 -13.98
CA GLY A 314 -1.00 -26.38 -13.72
C GLY A 314 -1.29 -26.58 -12.23
N MET A 315 -2.50 -27.10 -11.96
CA MET A 315 -3.02 -27.24 -10.60
C MET A 315 -2.17 -28.18 -9.73
N ASP A 316 -1.42 -29.09 -10.33
CA ASP A 316 -0.57 -29.95 -9.51
C ASP A 316 0.37 -29.17 -8.59
N GLN A 317 0.73 -27.94 -8.96
CA GLN A 317 1.62 -27.18 -8.10
C GLN A 317 0.89 -26.19 -7.21
N VAL A 318 -0.44 -26.15 -7.28
CA VAL A 318 -1.26 -25.36 -6.37
C VAL A 318 -1.65 -26.28 -5.22
N THR A 319 -0.91 -26.21 -4.10
CA THR A 319 -0.99 -27.23 -3.08
C THR A 319 -2.21 -26.97 -2.17
N PRO A 320 -2.83 -28.03 -1.65
CA PRO A 320 -4.00 -27.85 -0.75
C PRO A 320 -3.76 -26.85 0.37
N SER A 321 -2.59 -26.89 1.02
CA SER A 321 -2.37 -26.01 2.16
C SER A 321 -2.28 -24.55 1.71
N TRP A 322 -1.74 -24.29 0.51
CA TRP A 322 -1.69 -22.92 0.01
C TRP A 322 -3.06 -22.44 -0.42
N LYS A 323 -3.79 -23.21 -1.22
CA LYS A 323 -4.99 -22.62 -1.80
C LYS A 323 -6.08 -22.43 -0.75
N ARG A 324 -6.14 -23.32 0.26
CA ARG A 324 -7.20 -23.23 1.25
C ARG A 324 -7.15 -21.94 2.05
N SER A 325 -6.03 -21.22 2.01
CA SER A 325 -5.87 -20.02 2.82
C SER A 325 -6.39 -18.76 2.14
N CYS A 326 -6.83 -18.83 0.88
CA CYS A 326 -7.35 -17.67 0.17
C CYS A 326 -8.86 -17.55 0.24
N GLU A 327 -9.32 -16.32 0.49
CA GLU A 327 -10.72 -16.00 0.30
C GLU A 327 -11.13 -16.39 -1.11
N ALA A 328 -12.27 -17.07 -1.24
CA ALA A 328 -12.93 -17.31 -2.54
C ALA A 328 -12.22 -18.34 -3.40
N ILE A 329 -11.44 -19.24 -2.80
CA ILE A 329 -10.75 -20.24 -3.62
C ILE A 329 -11.77 -21.11 -4.36
N VAL A 330 -12.84 -21.50 -3.68
CA VAL A 330 -13.86 -22.36 -4.27
C VAL A 330 -14.55 -21.68 -5.45
N GLU A 331 -14.95 -20.41 -5.29
CA GLU A 331 -15.60 -19.72 -6.39
C GLU A 331 -14.63 -19.64 -7.55
N THR A 332 -13.34 -19.46 -7.24
CA THR A 332 -12.29 -19.40 -8.24
C THR A 332 -12.18 -20.72 -8.96
N GLU A 333 -12.16 -21.81 -8.20
CA GLU A 333 -12.07 -23.10 -8.86
C GLU A 333 -13.27 -23.28 -9.75
N GLU A 334 -14.45 -22.88 -9.27
CA GLU A 334 -15.65 -23.02 -10.08
C GLU A 334 -15.50 -22.18 -11.35
N SER A 335 -15.07 -20.93 -11.18
CA SER A 335 -14.99 -20.09 -12.37
C SER A 335 -13.98 -20.70 -13.36
N ALA A 336 -12.94 -21.39 -12.87
CA ALA A 336 -11.97 -22.01 -13.78
C ALA A 336 -12.66 -23.04 -14.67
N VAL A 337 -13.62 -23.77 -14.12
CA VAL A 337 -14.30 -24.80 -14.91
C VAL A 337 -15.08 -24.14 -16.03
N LYS A 338 -15.76 -23.01 -15.72
CA LYS A 338 -16.53 -22.30 -16.73
C LYS A 338 -15.61 -21.68 -17.78
N LEU A 339 -14.43 -21.19 -17.37
CA LEU A 339 -13.49 -20.69 -18.39
C LEU A 339 -13.04 -21.84 -19.27
N TYR A 340 -12.77 -22.99 -18.68
CA TYR A 340 -12.30 -24.09 -19.52
C TYR A 340 -13.37 -24.47 -20.56
N GLU A 341 -14.63 -24.46 -20.15
CA GLU A 341 -15.71 -24.87 -21.05
C GLU A 341 -15.83 -23.84 -22.16
N LEU A 342 -15.51 -22.59 -21.87
CA LEU A 342 -15.62 -21.55 -22.90
C LEU A 342 -14.36 -21.58 -23.78
N TYR A 343 -13.29 -22.16 -23.28
CA TYR A 343 -12.11 -22.29 -24.13
C TYR A 343 -12.40 -23.44 -25.08
N CYS A 344 -13.03 -24.48 -24.59
CA CYS A 344 -13.31 -25.60 -25.47
C CYS A 344 -14.34 -25.22 -26.54
N LYS A 345 -15.22 -24.26 -26.23
CA LYS A 345 -16.20 -23.83 -27.23
C LYS A 345 -15.53 -23.10 -28.39
N GLN A 346 -14.43 -22.39 -28.13
CA GLN A 346 -13.74 -21.67 -29.20
C GLN A 346 -12.91 -22.58 -30.09
N LEU A 347 -12.42 -23.70 -29.58
CA LEU A 347 -11.83 -24.70 -30.46
C LEU A 347 -12.90 -25.33 -31.38
N PRO B 2 -1.68 30.35 25.80
CA PRO B 2 -0.76 29.36 26.38
C PRO B 2 -1.50 28.09 26.77
N MET B 3 -2.72 28.21 27.32
CA MET B 3 -3.52 27.01 27.55
C MET B 3 -3.93 26.44 26.20
N VAL B 4 -3.85 25.13 26.07
CA VAL B 4 -4.49 24.38 24.99
C VAL B 4 -5.98 24.63 24.87
N SER B 5 -6.43 24.87 23.63
CA SER B 5 -7.82 25.12 23.27
C SER B 5 -8.44 23.85 22.72
N LEU B 6 -9.78 23.77 22.76
CA LEU B 6 -10.45 22.66 22.07
C LEU B 6 -10.05 22.67 20.60
N ALA B 7 -9.91 23.87 20.01
CA ALA B 7 -9.55 24.06 18.62
C ALA B 7 -8.22 23.36 18.33
N GLN B 8 -7.30 23.38 19.30
CA GLN B 8 -5.99 22.74 19.12
C GLN B 8 -6.14 21.22 19.15
N VAL B 9 -6.99 20.69 20.05
CA VAL B 9 -7.18 19.25 20.11
C VAL B 9 -7.92 18.75 18.87
N ARG B 10 -9.01 19.44 18.49
CA ARG B 10 -9.70 19.15 17.24
C ARG B 10 -8.78 19.26 16.04
N GLY B 11 -7.99 20.34 16.02
CA GLY B 11 -7.10 20.54 14.89
C GLY B 11 -6.11 19.39 14.75
N ALA B 12 -5.57 18.93 15.88
CA ALA B 12 -4.58 17.86 15.85
C ALA B 12 -5.18 16.58 15.30
N LEU B 13 -6.35 16.21 15.82
CA LEU B 13 -7.01 14.96 15.42
C LEU B 13 -7.52 15.04 13.98
N CYS B 14 -8.05 16.20 13.56
CA CYS B 14 -8.54 16.32 12.20
C CYS B 14 -7.37 16.37 11.23
N GLY B 15 -6.27 17.00 11.65
CA GLY B 15 -5.05 17.00 10.84
C GLY B 15 -4.49 15.61 10.64
N ALA B 16 -4.50 14.81 11.69
CA ALA B 16 -4.08 13.42 11.59
C ALA B 16 -4.95 12.63 10.64
N LEU B 17 -6.27 12.84 10.71
CA LEU B 17 -7.21 12.12 9.85
C LEU B 17 -6.96 12.48 8.39
N LEU B 18 -6.85 13.76 8.10
CA LEU B 18 -6.57 14.20 6.75
C LEU B 18 -5.29 13.57 6.23
N GLY B 19 -4.27 13.55 7.06
CA GLY B 19 -2.98 12.99 6.67
C GLY B 19 -3.10 11.55 6.32
N ASP B 20 -3.81 10.77 7.10
CA ASP B 20 -3.99 9.33 6.80
C ASP B 20 -4.83 9.18 5.53
N CYS B 21 -6.01 9.76 5.51
CA CYS B 21 -6.91 9.60 4.35
C CYS B 21 -6.28 10.05 3.06
N MET B 22 -5.65 11.21 3.04
CA MET B 22 -5.08 11.77 1.82
C MET B 22 -3.71 11.14 1.51
N GLY B 23 -2.89 10.92 2.53
CA GLY B 23 -1.63 10.26 2.25
C GLY B 23 -1.87 8.89 1.70
N ALA B 24 -2.96 8.25 2.11
CA ALA B 24 -3.16 6.85 1.76
C ALA B 24 -3.25 6.73 0.24
N GLU B 25 -3.81 7.76 -0.41
CA GLU B 25 -4.00 7.79 -1.86
C GLU B 25 -2.69 7.61 -2.62
N PHE B 26 -1.55 7.90 -1.99
CA PHE B 26 -0.25 7.89 -2.64
C PHE B 26 0.69 6.89 -1.99
N GLU B 27 0.17 6.11 -1.04
CA GLU B 27 0.96 5.23 -0.20
C GLU B 27 1.84 4.31 -1.03
N GLY B 28 3.09 4.19 -0.59
CA GLY B 28 4.09 3.28 -1.13
C GLY B 28 4.65 3.65 -2.49
N SER B 29 4.23 4.75 -3.07
CA SER B 29 4.74 5.10 -4.39
C SER B 29 6.14 5.66 -4.15
N ASP B 30 7.15 5.08 -4.81
CA ASP B 30 8.52 5.55 -4.61
C ASP B 30 8.72 6.89 -5.27
N ALA B 31 8.06 7.11 -6.42
CA ALA B 31 8.06 8.33 -7.21
C ALA B 31 6.66 8.95 -7.12
N VAL B 32 6.51 9.91 -6.23
CA VAL B 32 5.36 10.80 -6.16
C VAL B 32 5.76 12.22 -6.51
N GLU B 33 5.02 12.83 -7.43
CA GLU B 33 5.32 14.18 -7.88
C GLU B 33 4.22 15.12 -7.41
N LEU B 34 4.65 16.31 -6.97
CA LEU B 34 3.74 17.36 -6.54
C LEU B 34 2.57 17.66 -7.47
N PRO B 35 2.73 17.77 -8.80
CA PRO B 35 1.55 18.02 -9.64
C PRO B 35 0.42 17.03 -9.44
N ASP B 36 0.71 15.74 -9.24
CA ASP B 36 -0.39 14.81 -8.98
C ASP B 36 -1.08 15.19 -7.70
N VAL B 37 -0.33 15.64 -6.69
CA VAL B 37 -0.91 15.97 -5.40
C VAL B 37 -1.78 17.20 -5.52
N LEU B 38 -1.30 18.23 -6.20
CA LEU B 38 -2.12 19.44 -6.36
C LEU B 38 -3.39 19.16 -7.17
N GLU B 39 -3.32 18.28 -8.18
CA GLU B 39 -4.50 17.94 -8.96
C GLU B 39 -5.50 17.11 -8.15
N PHE B 40 -4.98 16.28 -7.27
CA PHE B 40 -5.80 15.47 -6.39
C PHE B 40 -6.61 16.35 -5.44
N VAL B 41 -5.97 17.33 -4.82
CA VAL B 41 -6.65 18.21 -3.86
C VAL B 41 -7.78 18.97 -4.57
N ARG B 42 -7.51 19.48 -5.76
CA ARG B 42 -8.55 20.20 -6.50
C ARG B 42 -9.76 19.29 -6.78
N LEU B 43 -9.51 18.05 -7.21
CA LEU B 43 -10.63 17.16 -7.46
C LEU B 43 -11.40 16.98 -6.19
N LEU B 44 -10.67 16.81 -5.08
CA LEU B 44 -11.23 16.59 -3.76
C LEU B 44 -12.12 17.76 -3.33
N GLU B 45 -11.65 18.99 -3.57
CA GLU B 45 -12.40 20.18 -3.20
C GLU B 45 -13.70 20.28 -4.01
N LYS B 46 -13.76 19.63 -5.16
CA LYS B 46 -14.90 19.68 -6.07
C LYS B 46 -15.78 18.44 -5.91
N GLU B 47 -15.40 17.53 -5.03
CA GLU B 47 -16.16 16.31 -4.84
C GLU B 47 -17.55 16.61 -4.33
N LYS B 48 -18.54 16.03 -5.00
CA LYS B 48 -19.92 16.25 -4.61
C LYS B 48 -20.29 15.40 -3.39
N LYS B 49 -19.83 14.15 -3.35
CA LYS B 49 -20.14 13.27 -2.22
C LYS B 49 -19.18 13.49 -1.05
N ALA B 50 -19.72 13.48 0.17
CA ALA B 50 -18.86 13.52 1.35
C ALA B 50 -18.32 12.14 1.68
N GLY B 51 -17.20 12.12 2.38
CA GLY B 51 -16.71 10.87 2.90
C GLY B 51 -16.12 9.94 1.87
N THR B 52 -15.49 10.47 0.82
CA THR B 52 -14.98 9.55 -0.20
C THR B 52 -13.63 8.94 0.16
N LEU B 53 -12.88 9.49 1.11
CA LEU B 53 -11.60 8.90 1.47
C LEU B 53 -11.75 8.09 2.76
N PHE B 54 -11.34 6.83 2.69
CA PHE B 54 -11.39 5.92 3.81
C PHE B 54 -10.08 5.96 4.57
N TYR B 55 -10.16 5.80 5.89
CA TYR B 55 -8.93 5.83 6.66
C TYR B 55 -8.33 4.44 6.71
N THR B 56 -7.11 4.40 7.22
CA THR B 56 -6.31 3.18 7.28
C THR B 56 -5.96 2.80 8.71
N ASP B 57 -4.95 1.93 8.87
CA ASP B 57 -4.57 1.49 10.21
C ASP B 57 -4.09 2.66 11.05
N ASP B 58 -3.51 3.70 10.41
CA ASP B 58 -3.06 4.87 11.14
C ASP B 58 -4.19 5.45 11.98
N THR B 59 -5.33 5.64 11.36
CA THR B 59 -6.50 6.16 12.06
C THR B 59 -7.12 5.10 12.96
N ALA B 60 -7.16 3.86 12.48
CA ALA B 60 -7.75 2.79 13.27
C ALA B 60 -7.10 2.70 14.66
N MET B 61 -5.77 2.79 14.71
CA MET B 61 -5.07 2.69 15.98
C MET B 61 -5.23 3.99 16.76
N THR B 62 -5.26 5.14 16.06
CA THR B 62 -5.57 6.39 16.74
C THR B 62 -6.89 6.29 17.48
N ARG B 63 -7.91 5.73 16.82
CA ARG B 63 -9.20 5.65 17.48
C ARG B 63 -9.13 4.68 18.65
N ALA B 64 -8.33 3.62 18.56
CA ALA B 64 -8.19 2.69 19.69
C ALA B 64 -7.49 3.37 20.88
N VAL B 65 -6.42 4.11 20.62
CA VAL B 65 -5.76 4.86 21.67
C VAL B 65 -6.74 5.75 22.39
N ILE B 66 -7.52 6.51 21.64
CA ILE B 66 -8.42 7.48 22.26
C ILE B 66 -9.44 6.80 23.15
N GLN B 67 -10.06 5.71 22.69
CA GLN B 67 -11.09 5.12 23.55
C GLN B 67 -10.47 4.55 24.82
N SER B 68 -9.24 4.04 24.73
CA SER B 68 -8.56 3.53 25.91
C SER B 68 -8.33 4.67 26.90
N LEU B 69 -7.87 5.80 26.41
CA LEU B 69 -7.61 6.93 27.28
C LEU B 69 -8.90 7.43 27.93
N ILE B 70 -10.02 7.43 27.19
CA ILE B 70 -11.28 7.92 27.76
C ILE B 70 -11.81 6.96 28.83
N ALA B 71 -11.72 5.67 28.56
CA ALA B 71 -12.25 4.67 29.46
C ALA B 71 -11.37 4.53 30.69
N LYS B 72 -10.07 4.68 30.48
CA LYS B 72 -9.08 4.44 31.52
C LYS B 72 -8.14 5.65 31.49
N PRO B 73 -8.59 6.79 32.04
CA PRO B 73 -7.80 8.03 31.89
C PRO B 73 -6.45 7.97 32.58
N ASP B 74 -6.22 7.05 33.51
CA ASP B 74 -4.93 6.96 34.18
C ASP B 74 -3.90 6.24 33.35
N PHE B 75 -4.31 5.70 32.21
CA PHE B 75 -3.54 4.95 31.21
C PHE B 75 -3.42 3.49 31.62
N ASP B 76 -4.10 2.64 30.89
CA ASP B 76 -4.13 1.22 31.19
C ASP B 76 -3.73 0.46 29.93
N GLU B 77 -2.47 0.01 29.91
CA GLU B 77 -1.88 -0.64 28.76
C GLU B 77 -2.53 -1.98 28.47
N VAL B 78 -3.11 -2.63 29.48
CA VAL B 78 -3.81 -3.88 29.21
C VAL B 78 -5.08 -3.60 28.41
N ASP B 79 -5.82 -2.57 28.83
CA ASP B 79 -7.01 -2.15 28.12
C ASP B 79 -6.65 -1.74 26.70
N MET B 80 -5.57 -0.96 26.54
CA MET B 80 -5.17 -0.48 25.22
C MET B 80 -4.75 -1.66 24.34
N ALA B 81 -4.01 -2.61 24.91
CA ALA B 81 -3.61 -3.79 24.14
C ALA B 81 -4.83 -4.51 23.61
N LYS B 82 -5.84 -4.67 24.47
CA LYS B 82 -7.08 -5.32 24.08
C LYS B 82 -7.72 -4.59 22.92
N ARG B 83 -7.82 -3.26 23.02
CA ARG B 83 -8.45 -2.46 21.98
C ARG B 83 -7.70 -2.54 20.66
N PHE B 84 -6.37 -2.47 20.70
CA PHE B 84 -5.57 -2.64 19.49
C PHE B 84 -5.89 -3.98 18.83
N ALA B 85 -5.80 -5.07 19.59
CA ALA B 85 -6.00 -6.43 19.08
C ALA B 85 -7.43 -6.65 18.59
N GLU B 86 -8.43 -6.14 19.32
CA GLU B 86 -9.82 -6.35 18.94
C GLU B 86 -10.17 -5.54 17.71
N GLU B 87 -9.55 -4.38 17.56
CA GLU B 87 -9.76 -3.55 16.38
C GLU B 87 -9.22 -4.27 15.16
N TYR B 88 -8.02 -4.81 15.28
CA TYR B 88 -7.48 -5.59 14.19
C TYR B 88 -8.48 -6.65 13.77
N LYS B 89 -8.97 -7.42 14.74
CA LYS B 89 -9.88 -8.51 14.46
C LYS B 89 -11.14 -8.01 13.72
N LYS B 90 -11.69 -6.86 14.14
CA LYS B 90 -12.93 -6.34 13.54
C LYS B 90 -12.71 -5.89 12.11
N GLU B 91 -11.62 -5.18 11.84
CA GLU B 91 -11.38 -4.56 10.54
C GLU B 91 -9.93 -4.81 10.14
N PRO B 92 -9.59 -6.06 9.82
CA PRO B 92 -8.18 -6.38 9.54
C PRO B 92 -7.61 -5.93 8.21
N THR B 93 -8.38 -5.38 7.26
CA THR B 93 -7.84 -4.98 5.94
C THR B 93 -7.57 -3.49 5.85
N ARG B 94 -7.40 -2.82 6.99
CA ARG B 94 -7.25 -1.38 7.03
C ARG B 94 -5.84 -0.94 6.58
N GLY B 95 -4.88 -1.87 6.53
CA GLY B 95 -3.57 -1.55 6.02
C GLY B 95 -2.38 -1.79 6.95
N TYR B 96 -2.53 -2.76 7.85
CA TYR B 96 -1.49 -3.03 8.84
C TYR B 96 -0.21 -3.51 8.16
N GLY B 97 0.93 -3.23 8.80
CA GLY B 97 2.19 -3.83 8.38
C GLY B 97 2.17 -5.34 8.48
N ALA B 98 2.99 -5.98 7.65
CA ALA B 98 2.93 -7.43 7.62
C ALA B 98 3.36 -8.02 8.97
N GLY B 99 4.33 -7.40 9.63
CA GLY B 99 4.80 -7.91 10.92
C GLY B 99 3.78 -7.74 12.05
N VAL B 100 3.19 -6.56 12.17
CA VAL B 100 2.42 -6.23 13.37
C VAL B 100 1.13 -7.04 13.51
N VAL B 101 0.58 -7.60 12.42
CA VAL B 101 -0.60 -8.48 12.49
C VAL B 101 -0.35 -9.62 13.48
N GLN B 102 0.88 -10.13 13.50
CA GLN B 102 1.25 -11.24 14.38
C GLN B 102 1.14 -10.85 15.85
N VAL B 103 1.48 -9.60 16.19
CA VAL B 103 1.31 -9.20 17.57
C VAL B 103 -0.16 -9.31 17.93
N PHE B 104 -1.03 -8.87 17.02
CA PHE B 104 -2.47 -8.89 17.28
C PHE B 104 -2.93 -10.33 17.40
N LYS B 105 -2.38 -11.22 16.57
CA LYS B 105 -2.82 -12.61 16.61
C LYS B 105 -2.47 -13.22 17.96
N LYS B 106 -1.27 -12.91 18.47
CA LYS B 106 -0.86 -13.42 19.79
C LYS B 106 -1.69 -12.84 20.93
N LEU B 107 -1.98 -11.53 20.88
CA LEU B 107 -2.80 -10.87 21.89
C LEU B 107 -4.21 -11.40 21.89
N LEU B 108 -4.68 -11.86 20.73
CA LEU B 108 -6.01 -12.41 20.60
C LEU B 108 -6.07 -13.84 21.15
N SER B 109 -4.93 -14.52 21.24
CA SER B 109 -4.84 -15.85 21.80
C SER B 109 -4.83 -15.82 23.33
N PRO B 110 -5.10 -16.94 24.00
CA PRO B 110 -4.98 -17.00 25.46
C PRO B 110 -3.60 -17.33 26.01
N LYS B 111 -2.56 -17.39 25.16
CA LYS B 111 -1.23 -17.88 25.51
C LYS B 111 -0.41 -16.85 26.28
N TYR B 112 -0.74 -15.57 26.15
CA TYR B 112 0.06 -14.48 26.72
C TYR B 112 -0.68 -13.83 27.88
N SER B 113 0.01 -13.75 29.01
CA SER B 113 -0.46 -12.97 30.14
C SER B 113 0.21 -11.60 30.21
N ASP B 114 1.36 -11.44 29.55
CA ASP B 114 2.10 -10.18 29.48
C ASP B 114 1.83 -9.52 28.12
N VAL B 115 1.07 -8.42 28.10
CA VAL B 115 0.64 -7.80 26.85
C VAL B 115 1.78 -7.20 26.05
N PHE B 116 2.97 -7.05 26.64
CA PHE B 116 4.17 -6.54 25.99
C PHE B 116 5.00 -7.68 25.38
N GLN B 117 4.66 -8.93 25.70
CA GLN B 117 5.57 -10.01 25.34
C GLN B 117 5.52 -10.29 23.84
N PRO B 118 4.35 -10.35 23.18
CA PRO B 118 4.35 -10.53 21.72
C PRO B 118 5.22 -9.52 20.97
N ALA B 119 5.16 -8.25 21.33
CA ALA B 119 5.99 -7.25 20.65
C ALA B 119 7.46 -7.53 20.87
N ARG B 120 7.80 -8.03 22.06
CA ARG B 120 9.20 -8.33 22.33
C ARG B 120 9.68 -9.44 21.40
N GLU B 121 8.77 -10.32 20.99
CA GLU B 121 9.13 -11.52 20.22
C GLU B 121 9.29 -11.22 18.73
N GLN B 122 8.79 -10.08 18.25
CA GLN B 122 8.84 -9.75 16.84
C GLN B 122 10.27 -9.74 16.33
N PHE B 123 10.42 -10.21 15.09
CA PHE B 123 11.68 -10.21 14.35
C PHE B 123 12.86 -10.71 15.20
N ASP B 124 12.82 -12.01 15.51
CA ASP B 124 13.90 -12.69 16.25
C ASP B 124 14.19 -12.09 17.62
N GLY B 125 13.16 -11.59 18.30
CA GLY B 125 13.31 -10.98 19.61
C GLY B 125 13.90 -9.60 19.62
N LYS B 126 14.22 -9.02 18.47
CA LYS B 126 14.78 -7.68 18.37
C LYS B 126 13.69 -6.62 18.34
N GLY B 127 12.49 -6.98 17.92
CA GLY B 127 11.37 -6.05 17.89
C GLY B 127 11.36 -5.19 16.63
N SER B 128 10.17 -4.68 16.32
CA SER B 128 9.93 -3.86 15.12
C SER B 128 10.47 -2.44 15.25
N TYR B 129 11.10 -1.94 14.17
CA TYR B 129 11.53 -0.55 14.08
C TYR B 129 10.61 0.28 13.16
N GLY B 130 9.41 -0.24 12.87
CA GLY B 130 8.41 0.44 12.06
C GLY B 130 7.80 1.64 12.77
N ASN B 131 7.01 2.43 12.02
CA ASN B 131 6.46 3.70 12.51
C ASN B 131 5.05 3.58 13.06
N GLY B 132 4.52 2.34 13.21
CA GLY B 132 3.15 2.17 13.69
C GLY B 132 2.91 2.67 15.11
N GLY B 133 3.93 2.63 15.97
CA GLY B 133 3.79 3.22 17.29
C GLY B 133 3.68 4.74 17.23
N ALA B 134 4.43 5.37 16.32
CA ALA B 134 4.41 6.82 16.22
C ALA B 134 3.16 7.33 15.47
N MET B 135 2.63 6.53 14.55
CA MET B 135 1.58 7.02 13.68
C MET B 135 0.31 7.31 14.47
N ARG B 136 0.20 6.70 15.66
CA ARG B 136 -1.01 6.69 16.48
C ARG B 136 -0.85 7.40 17.82
N VAL B 137 0.34 7.97 18.10
CA VAL B 137 0.75 8.40 19.43
C VAL B 137 0.32 9.84 19.76
N ALA B 138 -0.05 10.64 18.77
CA ALA B 138 -0.32 12.08 18.96
C ALA B 138 -1.21 12.33 20.17
N SER B 139 -2.22 11.49 20.35
CA SER B 139 -3.25 11.73 21.35
C SER B 139 -2.71 11.73 22.77
N ILE B 140 -1.57 11.05 23.00
CA ILE B 140 -0.92 11.04 24.31
C ILE B 140 -0.58 12.44 24.74
N ALA B 141 0.01 13.22 23.82
CA ALA B 141 0.37 14.59 24.10
C ALA B 141 -0.86 15.46 24.24
N LEU B 142 -1.98 15.05 23.64
CA LEU B 142 -3.21 15.83 23.77
C LEU B 142 -3.91 15.56 25.09
N ALA B 143 -3.65 14.43 25.71
CA ALA B 143 -4.38 14.07 26.90
C ALA B 143 -3.59 14.38 28.18
N TYR B 144 -2.28 14.44 28.11
CA TYR B 144 -1.40 14.52 29.28
C TYR B 144 -0.49 15.73 29.18
N PRO B 145 -0.79 16.81 29.91
CA PRO B 145 0.06 18.02 29.87
C PRO B 145 1.51 17.84 30.33
N ASN B 146 1.79 16.98 31.31
CA ASN B 146 3.14 16.94 31.87
C ASN B 146 4.06 16.16 30.95
N ILE B 147 5.17 16.78 30.52
CA ILE B 147 6.05 16.20 29.51
C ILE B 147 6.66 14.87 29.96
N GLN B 148 6.65 14.57 31.26
CA GLN B 148 7.13 13.27 31.69
C GLN B 148 6.09 12.20 31.44
N ASP B 149 4.82 12.50 31.75
CA ASP B 149 3.72 11.60 31.37
C ASP B 149 3.74 11.29 29.89
N VAL B 150 3.99 12.32 29.06
CA VAL B 150 4.01 12.13 27.61
C VAL B 150 5.05 11.09 27.22
N ILE B 151 6.28 11.22 27.76
CA ILE B 151 7.34 10.28 27.44
C ILE B 151 6.96 8.86 27.88
N LYS B 152 6.53 8.69 29.14
CA LYS B 152 6.34 7.31 29.63
C LYS B 152 5.13 6.67 28.96
N PHE B 153 4.08 7.46 28.69
CA PHE B 153 2.94 6.87 28.04
C PHE B 153 3.17 6.68 26.54
N ALA B 154 3.95 7.54 25.88
CA ALA B 154 4.33 7.26 24.49
C ALA B 154 5.10 5.95 24.41
N ARG B 155 6.07 5.77 25.31
CA ARG B 155 6.88 4.55 25.31
C ARG B 155 6.02 3.32 25.52
N ARG B 156 5.19 3.31 26.58
CA ARG B 156 4.46 2.08 26.89
C ARG B 156 3.44 1.79 25.80
N SER B 157 2.72 2.81 25.33
CA SER B 157 1.80 2.61 24.23
C SER B 157 2.51 2.05 22.99
N ALA B 158 3.70 2.58 22.65
CA ALA B 158 4.39 2.12 21.43
C ALA B 158 4.86 0.68 21.59
N GLN B 159 5.39 0.35 22.79
CA GLN B 159 6.00 -0.94 23.11
C GLN B 159 5.00 -2.08 23.08
N LEU B 160 3.70 -1.76 23.09
CA LEU B 160 2.68 -2.78 22.91
C LEU B 160 2.84 -3.48 21.56
N THR B 161 3.41 -2.80 20.54
CA THR B 161 3.63 -3.41 19.21
C THR B 161 5.07 -3.30 18.73
N HIS B 162 5.85 -2.33 19.21
CA HIS B 162 7.16 -2.00 18.65
C HIS B 162 8.15 -2.00 19.79
N ALA B 163 8.84 -3.12 19.97
CA ALA B 163 9.71 -3.34 21.12
C ALA B 163 11.14 -2.91 20.85
N SER B 164 11.47 -2.60 19.60
CA SER B 164 12.78 -2.08 19.27
C SER B 164 12.90 -0.63 19.72
N PRO B 165 14.05 -0.23 20.32
CA PRO B 165 14.25 1.20 20.62
C PRO B 165 13.93 2.12 19.44
N LEU B 166 14.21 1.70 18.21
CA LEU B 166 13.87 2.53 17.05
C LEU B 166 12.35 2.72 16.95
N GLY B 167 11.59 1.65 17.17
CA GLY B 167 10.14 1.78 17.13
C GLY B 167 9.61 2.73 18.20
N TYR B 168 9.97 2.50 19.45
CA TYR B 168 9.29 3.24 20.50
C TYR B 168 9.90 4.62 20.74
N ASN B 169 11.19 4.82 20.46
CA ASN B 169 11.73 6.18 20.56
C ASN B 169 11.22 7.07 19.43
N GLY B 170 10.94 6.50 18.24
CA GLY B 170 10.29 7.26 17.18
C GLY B 170 8.92 7.71 17.62
N ALA B 171 8.21 6.82 18.34
CA ALA B 171 6.92 7.16 18.92
C ALA B 171 7.07 8.27 19.96
N ILE B 172 8.10 8.17 20.81
CA ILE B 172 8.29 9.21 21.81
C ILE B 172 8.56 10.53 21.11
N LEU B 173 9.42 10.50 20.08
CA LEU B 173 9.78 11.71 19.34
C LEU B 173 8.53 12.35 18.74
N GLN B 174 7.65 11.54 18.12
CA GLN B 174 6.44 12.06 17.49
C GLN B 174 5.49 12.62 18.55
N ALA B 175 5.37 11.93 19.69
CA ALA B 175 4.55 12.43 20.81
C ALA B 175 5.11 13.74 21.33
N LEU B 176 6.45 13.83 21.46
CA LEU B 176 7.10 15.06 21.94
C LEU B 176 6.87 16.19 20.95
N ALA B 177 6.89 15.88 19.65
CA ALA B 177 6.69 16.92 18.64
C ALA B 177 5.29 17.53 18.77
N VAL B 178 4.26 16.69 18.97
CA VAL B 178 2.90 17.22 19.16
C VAL B 178 2.86 18.02 20.44
N HIS B 179 3.45 17.46 21.49
CA HIS B 179 3.47 18.13 22.77
C HIS B 179 4.00 19.56 22.65
N PHE B 180 5.18 19.76 22.04
CA PHE B 180 5.72 21.11 21.90
C PHE B 180 4.95 21.99 20.91
N ALA B 181 4.33 21.42 19.90
CA ALA B 181 3.60 22.27 18.95
C ALA B 181 2.38 22.86 19.63
N LEU B 182 1.88 22.15 20.62
CA LEU B 182 0.62 22.50 21.28
C LEU B 182 0.80 23.65 22.25
N GLN B 183 2.00 23.86 22.75
CA GLN B 183 2.16 24.89 23.81
C GLN B 183 2.51 26.23 23.21
N GLY B 184 1.51 26.90 22.68
CA GLY B 184 1.66 28.23 22.05
C GLY B 184 2.28 28.11 20.68
N GLU B 185 2.71 29.23 20.13
CA GLU B 185 3.41 29.12 18.84
C GLU B 185 4.92 29.34 18.92
N LEU B 186 5.65 28.30 19.32
CA LEU B 186 7.12 28.28 19.38
C LEU B 186 7.79 28.64 18.05
N LYS B 187 8.97 29.27 18.16
CA LYS B 187 9.85 29.50 17.00
C LYS B 187 10.50 28.19 16.56
N ARG B 188 10.83 28.12 15.26
CA ARG B 188 11.52 26.97 14.70
C ARG B 188 12.69 26.49 15.55
N ASP B 189 13.64 27.38 15.88
CA ASP B 189 14.88 26.94 16.51
C ASP B 189 14.66 26.41 17.93
N THR B 190 13.75 27.04 18.69
CA THR B 190 13.47 26.59 20.04
C THR B 190 12.82 25.23 20.02
N PHE B 191 11.82 25.06 19.14
CA PHE B 191 11.13 23.79 18.98
C PHE B 191 12.15 22.68 18.80
N LEU B 192 13.07 22.86 17.84
CA LEU B 192 14.06 21.82 17.55
C LEU B 192 15.01 21.63 18.73
N GLU B 193 15.47 22.73 19.34
CA GLU B 193 16.36 22.62 20.51
C GLU B 193 15.67 21.79 21.58
N GLN B 194 14.39 22.10 21.81
CA GLN B 194 13.59 21.35 22.76
C GLN B 194 13.63 19.88 22.37
N LEU B 195 13.33 19.57 21.09
CA LEU B 195 13.29 18.18 20.66
C LEU B 195 14.68 17.57 20.81
N ILE B 196 15.70 18.29 20.37
CA ILE B 196 17.06 17.75 20.41
C ILE B 196 17.48 17.56 21.86
N GLY B 197 17.18 18.55 22.70
CA GLY B 197 17.45 18.44 24.12
C GLY B 197 16.87 17.19 24.75
N GLU B 198 15.58 16.91 24.49
CA GLU B 198 14.90 15.74 25.10
C GLU B 198 15.43 14.41 24.58
N MET B 199 15.67 14.32 23.29
CA MET B 199 16.07 13.06 22.67
C MET B 199 17.49 12.69 23.08
N GLU B 200 18.33 13.69 23.35
CA GLU B 200 19.68 13.42 23.86
C GLU B 200 19.60 12.58 25.12
N ARG B 201 18.74 12.97 26.06
CA ARG B 201 18.56 12.20 27.29
C ARG B 201 18.11 10.78 27.00
N ILE B 202 17.09 10.63 26.14
CA ILE B 202 16.43 9.34 25.95
C ILE B 202 17.29 8.36 25.16
N GLU B 203 17.93 8.82 24.09
CA GLU B 203 18.73 7.89 23.30
C GLU B 203 20.07 7.57 23.93
N GLY B 204 20.68 8.49 24.68
CA GLY B 204 21.98 8.19 25.29
C GLY B 204 22.30 8.81 26.66
N LYS B 222 25.50 7.50 16.70
CA LYS B 222 25.39 7.05 18.09
C LYS B 222 23.99 7.29 18.65
N LEU B 223 23.49 8.52 18.47
CA LEU B 223 22.12 8.91 18.85
C LEU B 223 21.29 9.05 17.59
N PRO B 224 20.67 7.98 17.10
CA PRO B 224 20.09 8.03 15.72
C PRO B 224 19.09 9.16 15.51
N PHE B 225 18.12 9.33 16.41
CA PHE B 225 17.10 10.35 16.20
C PHE B 225 17.67 11.75 16.39
N CYS B 226 18.59 11.93 17.33
CA CYS B 226 19.19 13.25 17.53
C CYS B 226 19.92 13.74 16.29
N SER B 227 20.67 12.84 15.64
CA SER B 227 21.42 13.24 14.46
C SER B 227 20.50 13.49 13.28
N ARG B 228 19.36 12.79 13.23
CA ARG B 228 18.36 13.18 12.25
C ARG B 228 17.83 14.57 12.56
N LEU B 229 17.55 14.85 13.83
CA LEU B 229 17.08 16.18 14.24
C LEU B 229 18.11 17.23 13.91
N LYS B 230 19.41 16.89 14.07
CA LYS B 230 20.50 17.79 13.70
C LYS B 230 20.50 18.04 12.20
N LYS B 231 20.33 16.97 11.41
CA LYS B 231 20.25 17.12 9.96
C LYS B 231 19.11 18.06 9.61
N ILE B 232 18.02 17.98 10.38
CA ILE B 232 16.86 18.85 10.14
C ILE B 232 17.25 20.30 10.36
N LYS B 233 17.95 20.60 11.46
CA LYS B 233 18.47 21.96 11.70
C LYS B 233 19.27 22.49 10.51
N GLU B 234 20.14 21.64 9.95
CA GLU B 234 20.93 22.05 8.79
C GLU B 234 20.04 22.38 7.60
N PHE B 235 19.07 21.50 7.30
CA PHE B 235 18.23 21.71 6.12
C PHE B 235 17.47 23.03 6.21
N LEU B 236 16.94 23.33 7.41
CA LEU B 236 16.15 24.54 7.61
C LEU B 236 16.98 25.81 7.54
N ALA B 237 18.30 25.74 7.81
CA ALA B 237 19.17 26.91 7.68
C ALA B 237 19.56 27.22 6.24
N SER B 238 19.26 26.34 5.30
CA SER B 238 19.45 26.56 3.88
C SER B 238 18.09 26.91 3.28
N SER B 239 18.10 27.30 2.02
CA SER B 239 16.87 27.47 1.26
C SER B 239 16.90 26.62 0.00
N ASN B 240 15.70 26.33 -0.50
CA ASN B 240 15.50 25.62 -1.76
C ASN B 240 16.13 24.22 -1.69
N VAL B 241 15.91 23.55 -0.58
CA VAL B 241 16.36 22.17 -0.41
C VAL B 241 15.52 21.28 -1.30
N PRO B 242 16.13 20.57 -2.25
CA PRO B 242 15.37 19.66 -3.12
C PRO B 242 14.75 18.49 -2.36
N LYS B 243 13.60 18.02 -2.84
CA LYS B 243 12.99 16.80 -2.30
C LYS B 243 14.02 15.68 -2.18
N ALA B 244 14.84 15.50 -3.21
CA ALA B 244 15.81 14.40 -3.25
C ALA B 244 16.73 14.37 -2.03
N ASP B 245 17.19 15.55 -1.57
CA ASP B 245 18.10 15.61 -0.42
C ASP B 245 17.39 15.20 0.87
N ILE B 246 16.13 15.62 1.01
CA ILE B 246 15.34 15.27 2.19
C ILE B 246 15.14 13.77 2.25
N VAL B 247 14.78 13.15 1.14
CA VAL B 247 14.55 11.70 1.15
C VAL B 247 15.85 10.97 1.50
N ASP B 248 16.98 11.38 0.91
CA ASP B 248 18.24 10.67 1.13
C ASP B 248 18.65 10.74 2.58
N GLU B 249 18.51 11.90 3.21
CA GLU B 249 19.09 12.13 4.53
C GLU B 249 18.10 11.82 5.65
N LEU B 250 16.81 12.06 5.43
CA LEU B 250 15.81 11.82 6.46
C LEU B 250 15.03 10.53 6.21
N GLY B 251 14.71 10.22 4.96
CA GLY B 251 14.00 9.02 4.58
C GLY B 251 12.54 9.29 4.27
N HIS B 252 11.87 8.30 3.68
CA HIS B 252 10.42 8.39 3.58
C HIS B 252 9.78 7.01 3.74
N GLY B 253 10.38 6.19 4.59
CA GLY B 253 10.05 4.78 4.67
C GLY B 253 9.10 4.44 5.81
N ILE B 254 8.92 3.13 6.01
CA ILE B 254 8.10 2.59 7.09
C ILE B 254 8.83 2.65 8.44
N ALA B 255 10.17 2.62 8.44
CA ALA B 255 10.89 2.66 9.72
C ALA B 255 10.72 4.02 10.39
N ALA B 256 10.55 4.00 11.70
CA ALA B 256 10.38 5.25 12.43
C ALA B 256 11.54 6.22 12.20
N LEU B 257 12.76 5.69 12.13
CA LEU B 257 13.93 6.55 11.97
C LEU B 257 13.84 7.32 10.65
N GLU B 258 13.18 6.72 9.67
CA GLU B 258 13.08 7.23 8.32
C GLU B 258 11.74 7.89 8.04
N SER B 259 10.93 8.15 9.07
CA SER B 259 9.64 8.78 8.83
C SER B 259 9.27 9.85 9.84
N VAL B 260 9.54 9.62 11.12
CA VAL B 260 9.09 10.55 12.15
C VAL B 260 9.88 11.85 11.99
N PRO B 261 11.21 11.80 11.85
CA PRO B 261 11.91 13.06 11.58
C PRO B 261 11.41 13.72 10.32
N THR B 262 11.04 12.91 9.32
CA THR B 262 10.55 13.45 8.05
C THR B 262 9.22 14.19 8.26
N ALA B 263 8.34 13.64 9.07
CA ALA B 263 7.10 14.34 9.41
C ALA B 263 7.42 15.67 10.07
N ILE B 264 8.39 15.67 11.01
CA ILE B 264 8.78 16.88 11.75
C ILE B 264 9.39 17.91 10.80
N TYR B 265 10.28 17.47 9.89
CA TYR B 265 10.82 18.41 8.91
C TYR B 265 9.70 19.03 8.07
N SER B 266 8.74 18.20 7.59
CA SER B 266 7.67 18.73 6.76
C SER B 266 6.93 19.82 7.51
N PHE B 267 6.59 19.57 8.79
CA PHE B 267 5.91 20.58 9.61
C PHE B 267 6.71 21.85 9.70
N LEU B 268 7.99 21.75 10.09
CA LEU B 268 8.78 22.95 10.32
C LEU B 268 8.99 23.72 9.02
N HIS B 269 9.30 22.99 7.95
CA HIS B 269 9.52 23.60 6.64
C HIS B 269 8.31 24.41 6.21
N CYS B 270 7.11 23.86 6.39
CA CYS B 270 5.90 24.49 5.85
C CYS B 270 5.35 25.58 6.77
N MET B 271 6.08 25.87 7.85
CA MET B 271 5.84 27.11 8.56
C MET B 271 6.07 28.34 7.70
N GLU B 272 6.89 28.23 6.65
CA GLU B 272 7.11 29.32 5.71
C GLU B 272 6.59 28.94 4.33
N SER B 273 6.62 29.91 3.40
CA SER B 273 6.18 29.63 2.04
CA SER B 273 6.20 29.64 2.03
C SER B 273 7.14 28.68 1.35
N ASP B 274 6.60 27.84 0.46
CA ASP B 274 7.33 26.91 -0.38
C ASP B 274 7.11 27.33 -1.83
N PRO B 275 8.17 27.56 -2.63
CA PRO B 275 7.95 28.09 -3.98
C PRO B 275 7.07 27.23 -4.87
N ASP B 276 7.01 25.93 -4.63
CA ASP B 276 6.23 25.01 -5.46
C ASP B 276 4.76 24.87 -5.06
N ILE B 277 4.35 25.30 -3.87
CA ILE B 277 2.98 25.11 -3.42
C ILE B 277 2.28 26.46 -3.44
N PRO B 278 1.20 26.62 -4.22
CA PRO B 278 0.51 27.91 -4.24
C PRO B 278 0.22 28.39 -2.83
N ASP B 279 0.52 29.65 -2.58
CA ASP B 279 0.34 30.20 -1.25
C ASP B 279 -1.11 30.61 -0.98
N LEU B 280 -2.05 30.16 -1.82
CA LEU B 280 -3.46 30.21 -1.45
C LEU B 280 -3.86 29.06 -0.55
N TYR B 281 -3.01 28.02 -0.42
CA TYR B 281 -3.16 26.98 0.59
C TYR B 281 -2.60 27.45 1.93
N ASN B 282 -3.33 27.22 3.01
CA ASN B 282 -2.82 27.65 4.32
C ASN B 282 -1.71 26.69 4.75
N ASN B 283 -1.13 26.96 5.92
CA ASN B 283 0.03 26.19 6.39
C ASN B 283 -0.27 24.71 6.56
N LEU B 284 -1.43 24.39 7.13
CA LEU B 284 -1.75 23.00 7.38
C LEU B 284 -1.97 22.24 6.10
N GLN B 285 -2.60 22.89 5.12
CA GLN B 285 -2.77 22.28 3.81
C GLN B 285 -1.41 22.06 3.15
N ARG B 286 -0.58 23.10 3.13
CA ARG B 286 0.76 23.00 2.56
C ARG B 286 1.53 21.86 3.20
N THR B 287 1.43 21.74 4.52
CA THR B 287 2.14 20.68 5.23
C THR B 287 1.69 19.32 4.72
N ILE B 288 0.37 19.16 4.58
CA ILE B 288 -0.16 17.89 4.10
C ILE B 288 0.25 17.67 2.65
N ILE B 289 0.13 18.70 1.84
CA ILE B 289 0.54 18.58 0.43
C ILE B 289 2.02 18.20 0.36
N TYR B 290 2.87 18.98 1.05
CA TYR B 290 4.32 18.77 1.03
C TYR B 290 4.70 17.38 1.50
N SER B 291 4.19 16.96 2.67
CA SER B 291 4.47 15.63 3.19
C SER B 291 4.25 14.57 2.14
N ILE B 292 3.06 14.59 1.51
CA ILE B 292 2.73 13.56 0.53
C ILE B 292 3.66 13.63 -0.67
N SER B 293 3.98 14.85 -1.12
CA SER B 293 4.87 15.01 -2.27
C SER B 293 6.25 14.37 -2.03
N LEU B 294 6.61 14.12 -0.77
CA LEU B 294 7.89 13.52 -0.42
C LEU B 294 7.92 12.04 -0.77
N GLY B 295 6.75 11.42 -1.03
CA GLY B 295 6.62 10.03 -1.42
C GLY B 295 6.86 9.04 -0.27
N GLY B 296 6.97 7.78 -0.68
CA GLY B 296 7.20 6.69 0.25
C GLY B 296 5.97 6.32 1.06
N ASP B 297 6.15 6.29 2.38
CA ASP B 297 5.10 5.92 3.32
C ASP B 297 4.23 7.16 3.56
N THR B 298 3.43 7.50 2.53
CA THR B 298 2.77 8.81 2.50
C THR B 298 1.67 8.91 3.57
N ASP B 299 0.90 7.85 3.82
CA ASP B 299 -0.17 8.01 4.83
C ASP B 299 0.40 8.21 6.26
N THR B 300 1.54 7.58 6.60
CA THR B 300 2.04 7.68 7.97
C THR B 300 2.80 9.00 8.14
N ILE B 301 3.61 9.37 7.16
CA ILE B 301 4.29 10.64 7.23
C ILE B 301 3.26 11.76 7.22
N ALA B 302 2.21 11.63 6.39
CA ALA B 302 1.21 12.70 6.35
C ALA B 302 0.40 12.76 7.64
N THR B 303 0.05 11.59 8.21
CA THR B 303 -0.70 11.57 9.47
C THR B 303 0.09 12.18 10.60
N MET B 304 1.41 11.97 10.63
CA MET B 304 2.21 12.53 11.70
C MET B 304 2.39 14.03 11.56
N ALA B 305 2.77 14.51 10.36
CA ALA B 305 2.92 15.96 10.14
C ALA B 305 1.60 16.66 10.34
N GLY B 306 0.50 16.03 9.93
CA GLY B 306 -0.81 16.63 10.06
C GLY B 306 -1.23 16.82 11.51
N ALA B 307 -0.87 15.87 12.41
CA ALA B 307 -1.11 15.99 13.86
C ALA B 307 -0.33 17.15 14.48
N ILE B 308 0.93 17.27 14.12
CA ILE B 308 1.74 18.36 14.67
C ILE B 308 1.20 19.68 14.19
N ALA B 309 0.97 19.79 12.87
CA ALA B 309 0.45 21.02 12.31
C ALA B 309 -0.94 21.35 12.87
N GLY B 310 -1.81 20.33 12.99
CA GLY B 310 -3.13 20.59 13.52
C GLY B 310 -3.07 21.12 14.93
N ALA B 311 -2.19 20.53 15.76
CA ALA B 311 -2.00 20.98 17.13
C ALA B 311 -1.43 22.39 17.15
N TYR B 312 -0.57 22.72 16.19
CA TYR B 312 0.08 24.02 16.13
C TYR B 312 -0.87 25.11 15.66
N TYR B 313 -1.53 24.89 14.51
CA TYR B 313 -2.30 25.95 13.86
C TYR B 313 -3.77 25.92 14.29
N GLY B 314 -4.23 24.73 14.67
CA GLY B 314 -5.58 24.47 15.14
C GLY B 314 -6.59 24.29 13.98
N MET B 315 -7.84 24.01 14.39
CA MET B 315 -8.93 23.61 13.51
C MET B 315 -9.31 24.70 12.51
N ASP B 316 -9.00 25.96 12.81
CA ASP B 316 -9.27 27.04 11.85
C ASP B 316 -8.60 26.77 10.52
N GLN B 317 -7.52 26.00 10.52
CA GLN B 317 -6.86 25.67 9.27
C GLN B 317 -7.29 24.33 8.70
N VAL B 318 -8.20 23.62 9.37
CA VAL B 318 -8.83 22.40 8.85
C VAL B 318 -10.10 22.85 8.13
N THR B 319 -10.04 22.93 6.78
CA THR B 319 -11.13 23.60 6.09
C THR B 319 -12.30 22.67 5.83
N PRO B 320 -13.52 23.22 5.76
CA PRO B 320 -14.70 22.38 5.49
C PRO B 320 -14.58 21.52 4.25
N SER B 321 -14.02 22.05 3.17
CA SER B 321 -13.93 21.26 1.94
C SER B 321 -12.98 20.09 2.08
N TRP B 322 -11.89 20.27 2.84
CA TRP B 322 -10.96 19.15 3.04
C TRP B 322 -11.55 18.13 4.01
N LYS B 323 -12.01 18.58 5.18
CA LYS B 323 -12.35 17.64 6.24
C LYS B 323 -13.59 16.80 5.91
N ARG B 324 -14.54 17.36 5.16
CA ARG B 324 -15.79 16.67 4.86
C ARG B 324 -15.62 15.41 4.02
N SER B 325 -14.48 15.22 3.36
CA SER B 325 -14.29 14.06 2.49
C SER B 325 -13.71 12.84 3.21
N CYS B 326 -13.41 12.95 4.49
CA CYS B 326 -12.80 11.87 5.25
C CYS B 326 -13.83 11.01 5.96
N GLU B 327 -13.66 9.70 5.86
CA GLU B 327 -14.37 8.77 6.73
C GLU B 327 -14.17 9.18 8.18
N ALA B 328 -15.26 9.18 8.94
CA ALA B 328 -15.24 9.34 10.39
C ALA B 328 -14.83 10.74 10.86
N ILE B 329 -15.03 11.76 10.03
CA ILE B 329 -14.70 13.12 10.47
C ILE B 329 -15.54 13.48 11.68
N VAL B 330 -16.84 13.15 11.63
CA VAL B 330 -17.72 13.50 12.75
C VAL B 330 -17.25 12.79 14.02
N GLU B 331 -16.97 11.50 13.92
CA GLU B 331 -16.48 10.74 15.07
C GLU B 331 -15.19 11.36 15.55
N THR B 332 -14.36 11.82 14.62
CA THR B 332 -13.12 12.48 15.00
C THR B 332 -13.37 13.79 15.74
N GLU B 333 -14.23 14.65 15.21
CA GLU B 333 -14.55 15.91 15.88
C GLU B 333 -15.11 15.63 17.28
N GLU B 334 -15.99 14.62 17.40
CA GLU B 334 -16.59 14.23 18.67
C GLU B 334 -15.57 13.75 19.70
N SER B 335 -14.69 12.85 19.27
CA SER B 335 -13.66 12.30 20.15
C SER B 335 -12.76 13.40 20.68
N ALA B 336 -12.56 14.46 19.89
CA ALA B 336 -11.72 15.56 20.35
C ALA B 336 -12.27 16.17 21.63
N VAL B 337 -13.59 16.31 21.76
CA VAL B 337 -14.12 16.88 22.99
C VAL B 337 -13.77 15.99 24.18
N LYS B 338 -13.89 14.67 24.02
CA LYS B 338 -13.59 13.79 25.15
C LYS B 338 -12.09 13.84 25.48
N LEU B 339 -11.23 13.90 24.45
CA LEU B 339 -9.81 14.05 24.71
C LEU B 339 -9.51 15.37 25.39
N TYR B 340 -10.16 16.47 24.96
CA TYR B 340 -9.89 17.76 25.58
C TYR B 340 -10.27 17.74 27.06
N GLU B 341 -11.38 17.08 27.40
CA GLU B 341 -11.81 17.04 28.79
C GLU B 341 -10.79 16.29 29.63
N LEU B 342 -10.23 15.23 29.07
CA LEU B 342 -9.16 14.53 29.74
C LEU B 342 -7.99 15.47 30.00
N TYR B 343 -7.60 16.26 28.99
CA TYR B 343 -6.51 17.20 29.18
C TYR B 343 -6.81 18.20 30.30
N CYS B 344 -7.98 18.82 30.28
CA CYS B 344 -8.30 19.78 31.33
C CYS B 344 -8.38 19.11 32.70
N LYS B 345 -8.70 17.81 32.74
CA LYS B 345 -8.79 17.08 34.01
C LYS B 345 -7.42 16.98 34.68
N GLN B 346 -6.37 16.91 33.87
CA GLN B 346 -4.99 16.75 34.26
C GLN B 346 -4.37 18.06 34.78
N LEU B 347 -4.83 19.19 34.26
CA LEU B 347 -4.47 20.50 34.80
C LEU B 347 -5.09 20.66 36.19
MG MG C . -4.19 -5.07 -5.10
MG MG D . -1.52 -3.53 -5.67
C1 RVK E . -3.14 -0.68 -4.07
C2 RVK E . 0.75 10.43 -13.25
C4 RVK E . 0.21 8.32 -13.05
C5 RVK E . 0.12 8.13 -14.40
C6 RVK E . 0.39 9.24 -15.20
C1' RVK E . -0.19 6.66 -11.11
C1D RVK E . -3.30 -0.45 -6.50
C2' RVK E . -1.20 7.46 -10.29
C2D RVK E . -3.79 -1.61 -7.35
C3' RVK E . -2.40 6.56 -10.22
C3D RVK E . -2.57 -1.88 -8.25
C4' RVK E . -1.68 5.22 -10.12
C4D RVK E . -1.99 -0.49 -8.45
C5' RVK E . -2.45 3.97 -10.42
C5D RVK E . -2.23 0.10 -9.80
C8 RVK E . -0.35 6.27 -13.58
N1 RVK E . 0.70 10.40 -14.58
N3 RVK E . 0.51 9.45 -12.41
N6 RVK E . 0.34 9.17 -16.52
N7 RVK E . -0.22 6.84 -14.74
N9 RVK E . -0.10 7.10 -12.51
O1A RVK E . -5.21 4.61 -10.57
O1B RVK E . -5.59 0.08 -11.66
O1D RVK E . -2.50 -0.89 -5.35
O2' RVK E . -0.67 7.76 -9.01
O2A RVK E . -5.08 3.52 -12.94
O2B RVK E . -3.25 1.01 -12.43
O2D RVK E . -4.49 -2.63 -6.65
O3' RVK E . -3.23 6.87 -9.10
O3A RVK E . -4.82 2.19 -10.93
O3D RVK E . -1.50 -2.79 -7.91
O4' RVK E . -0.63 5.33 -11.09
O4D RVK E . -2.73 0.34 -7.57
O5' RVK E . -3.11 4.06 -11.67
O5D RVK E . -3.65 0.00 -10.23
PA RVK E . -4.62 3.65 -11.53
PB RVK E . -4.33 0.78 -11.47
MG MG F . -1.90 3.19 7.23
MG MG G . 1.66 3.13 5.47
C1 RVK H . 1.47 -0.10 4.56
C2 RVK H . 12.98 -6.78 9.98
C4 RVK H . 11.48 -5.18 10.17
C5 RVK H . 11.90 -4.84 11.42
C6 RVK H . 12.97 -5.59 11.94
C1' RVK H . 9.61 -4.18 8.71
C1D RVK H . 2.14 -0.04 6.90
C2' RVK H . 8.93 -5.48 8.28
C2D RVK H . 1.59 0.80 8.04
C3' RVK H . 7.44 -5.19 8.43
C3D RVK H . 2.77 1.73 8.36
C4' RVK H . 7.39 -3.66 8.35
C4D RVK H . 3.97 0.84 8.01
C5' RVK H . 6.31 -3.01 9.15
C5D RVK H . 4.75 0.39 9.22
C8 RVK H . 10.32 -3.52 10.99
N1 RVK H . 13.49 -6.59 11.18
N3 RVK H . 11.98 -6.14 9.41
N6 RVK H . 13.48 -5.38 13.13
N7 RVK H . 11.18 -3.79 11.94
N9 RVK H . 10.46 -4.31 9.89
O1A RVK H . 4.70 -4.78 10.87
O1B RVK H . 2.92 -0.81 12.44
O1D RVK H . 2.11 0.64 5.63
O2' RVK H . 9.34 -5.83 6.99
O2A RVK H . 5.78 -3.27 12.76
O2B RVK H . 5.42 -0.34 12.07
O2D RVK H . 0.30 1.35 7.90
O3' RVK H . 6.68 -5.86 7.45
O3A RVK H . 4.19 -2.37 11.16
O3D RVK H . 2.87 3.03 7.75
O4' RVK H . 8.61 -3.22 8.95
O4D RVK H . 3.41 -0.35 7.48
O5' RVK H . 6.60 -3.19 10.54
O5D RVK H . 3.81 -0.06 10.26
PA RVK H . 5.31 -3.50 11.36
PB RVK H . 4.12 -0.86 11.61
#